data_6AOG
#
_entry.id   6AOG
#
_cell.length_a   53.589
_cell.length_b   144.916
_cell.length_c   176.044
_cell.angle_alpha   90.00
_cell.angle_beta   90.00
_cell.angle_gamma   90.00
#
_symmetry.space_group_name_H-M   'P 21 21 21'
#
loop_
_entity.id
_entity.type
_entity.pdbx_description
1 polymer 'Bifunctional dihydrofolate reductase-thymidylate synthase'
2 non-polymer "2'-DEOXYURIDINE 5'-MONOPHOSPHATE"
3 non-polymer 'NADPH DIHYDRO-NICOTINAMIDE-ADENINE-DINUCLEOTIDE PHOSPHATE'
4 non-polymer '10-PROPARGYL-5,8-DIDEAZAFOLIC ACID'
5 non-polymer 5-(4-CHLORO-PHENYL)-6-ETHYL-PYRIMIDINE-2,4-DIAMINE
#
_entity_poly.entity_id   1
_entity_poly.type   'polypeptide(L)'
_entity_poly.pdbx_seq_one_letter_code
;MQKPVCLVVAMTPKRGIGINNGLPWPHLTTDFKHFSRVTKTTPEEASRFNAVVMGRKTWESMPRKFRPLVDRLNIVVSSS
LKEEDIAAEKPQAEGQQRVRVCASLPAALSLLEEEYKDSVDQIFVVGGAGLYEAALSLGVASHLYITRVAREFPCDVFFP
AFPGDDILSNKSTAAEKDNEATYRPIFISKTFSDNGVPYDFVVLEKRRKTDDAATAEPSNAMSSLTSTRETTPVHGLQAP
SSAAAIAPVLAWMDEEDRKKREQKELIRAVPHVHFRGHEEFQYLDLIADIINNGRTMDDRTGVGVISKFGCTMRYSLDQA
FPLLTTKRVFWKGVLEELLWFIRGDTNANHLSEKGVKIWDKNVTREFLDSRNLPHREVGDIGPGYGFQWRHFGAAYKDMH
TDYTGQGVDQLKNVIQMLRTNPTDRRMLMTAWNPAALDEMALPPCHLLCQFYVNDQKELSCIMYQRSCDVGLGVPFNIAS
YSLLTLMVAHVCNLKPKEFIHFMGNTHVYTNHVEALKEQLRREPRPFPIVNILNKERIKEIDDFTAEDFEVVGYVPHGRI
QMEMAV
;
_entity_poly.pdbx_strand_id   A,B
#
# COMPACT_ATOMS: atom_id res chain seq x y z
N LYS A 3 -9.29 24.80 33.77
CA LYS A 3 -8.03 25.03 34.54
C LYS A 3 -6.75 24.93 33.68
N PRO A 4 -6.61 23.86 32.85
CA PRO A 4 -5.42 23.80 32.01
C PRO A 4 -5.53 24.66 30.74
N VAL A 5 -4.38 25.12 30.25
CA VAL A 5 -4.32 26.01 29.10
C VAL A 5 -3.60 25.35 27.92
N CYS A 6 -3.78 25.89 26.72
CA CYS A 6 -3.06 25.44 25.53
C CYS A 6 -2.31 26.58 24.86
N LEU A 7 -1.04 26.36 24.56
CA LEU A 7 -0.22 27.33 23.85
C LEU A 7 -0.31 27.09 22.35
N VAL A 8 -0.48 28.17 21.59
CA VAL A 8 -0.52 28.06 20.14
C VAL A 8 0.51 29.02 19.53
N VAL A 9 1.47 28.45 18.81
CA VAL A 9 2.63 29.20 18.31
C VAL A 9 3.09 28.82 16.91
N ALA A 10 3.71 29.77 16.24
CA ALA A 10 4.44 29.52 15.00
C ALA A 10 5.89 29.92 15.22
N MET A 11 6.81 28.97 14.98
CA MET A 11 8.16 29.06 15.48
C MET A 11 9.23 28.78 14.42
N THR A 12 10.34 29.49 14.53
CA THR A 12 11.54 29.27 13.72
C THR A 12 12.35 28.14 14.37
N PRO A 13 13.17 27.39 13.59
CA PRO A 13 14.03 26.35 14.18
C PRO A 13 14.82 26.84 15.38
N LYS A 14 15.25 28.10 15.34
CA LYS A 14 15.98 28.73 16.43
C LYS A 14 15.04 29.39 17.45
N ARG A 15 13.79 28.95 17.46
CA ARG A 15 12.76 29.41 18.41
C ARG A 15 12.19 30.81 18.17
N GLY A 16 12.57 31.44 17.06
CA GLY A 16 12.13 32.80 16.73
C GLY A 16 10.65 32.91 16.42
N ILE A 17 9.99 33.93 16.96
CA ILE A 17 8.55 34.12 16.75
C ILE A 17 8.19 35.50 16.19
N GLY A 18 9.09 36.46 16.31
CA GLY A 18 8.78 37.83 15.88
C GLY A 18 9.95 38.78 15.70
N ILE A 19 9.74 39.79 14.86
CA ILE A 19 10.69 40.88 14.65
C ILE A 19 9.97 42.20 14.39
N ASN A 20 10.45 43.27 15.01
CA ASN A 20 9.88 44.62 14.89
C ASN A 20 8.38 44.67 15.19
N ASN A 21 8.00 44.02 16.30
CA ASN A 21 6.59 43.88 16.68
C ASN A 21 5.72 43.37 15.52
N GLY A 22 6.23 42.37 14.82
CA GLY A 22 5.57 41.77 13.67
C GLY A 22 6.10 40.37 13.40
N LEU A 23 5.50 39.70 12.41
CA LEU A 23 5.88 38.32 12.09
C LEU A 23 7.08 38.28 11.14
N PRO A 24 8.06 37.39 11.43
CA PRO A 24 9.35 37.37 10.74
C PRO A 24 9.27 36.95 9.27
N TRP A 25 8.22 36.19 8.94
CA TRP A 25 8.08 35.58 7.63
C TRP A 25 6.97 36.23 6.81
N PRO A 26 6.93 35.96 5.49
CA PRO A 26 5.77 36.31 4.68
C PRO A 26 4.53 35.56 5.17
N HIS A 27 3.35 35.96 4.67
CA HIS A 27 2.10 35.38 5.15
C HIS A 27 1.95 33.90 4.83
N LEU A 28 1.65 33.10 5.86
CA LEU A 28 1.37 31.68 5.71
C LEU A 28 -0.11 31.45 5.92
N THR A 29 -0.85 31.36 4.81
CA THR A 29 -2.31 31.25 4.84
C THR A 29 -2.81 30.04 5.63
N THR A 30 -2.22 28.88 5.35
CA THR A 30 -2.61 27.62 5.98
C THR A 30 -2.41 27.66 7.49
N ASP A 31 -1.34 28.31 7.95
CA ASP A 31 -1.10 28.51 9.37
C ASP A 31 -2.17 29.42 9.99
N PHE A 32 -2.49 30.50 9.28
CA PHE A 32 -3.50 31.47 9.72
C PHE A 32 -4.88 30.83 9.77
N LYS A 33 -5.10 29.85 8.89
CA LYS A 33 -6.30 29.03 8.93
C LYS A 33 -6.28 28.13 10.16
N HIS A 34 -5.20 27.38 10.32
CA HIS A 34 -4.99 26.51 11.48
C HIS A 34 -5.25 27.23 12.80
N PHE A 35 -4.65 28.41 12.96
CA PHE A 35 -4.81 29.22 14.16
C PHE A 35 -6.27 29.60 14.38
N SER A 36 -6.92 30.08 13.32
CA SER A 36 -8.31 30.54 13.38
C SER A 36 -9.27 29.45 13.83
N ARG A 37 -9.03 28.23 13.37
CA ARG A 37 -9.94 27.12 13.61
C ARG A 37 -9.79 26.52 15.00
N VAL A 38 -8.55 26.25 15.40
CA VAL A 38 -8.26 25.67 16.72
C VAL A 38 -8.71 26.60 17.85
N THR A 39 -8.53 27.90 17.68
CA THR A 39 -8.90 28.88 18.69
C THR A 39 -10.41 29.14 18.76
N LYS A 40 -11.13 28.88 17.66
CA LYS A 40 -12.57 29.16 17.61
C LYS A 40 -13.50 27.98 17.90
N THR A 41 -13.15 26.80 17.38
CA THR A 41 -14.04 25.62 17.44
C THR A 41 -14.44 25.19 18.85
N THR A 42 -15.76 25.00 19.03
CA THR A 42 -16.37 24.63 20.30
C THR A 42 -17.55 23.70 20.02
N PRO A 43 -17.76 22.66 20.88
CA PRO A 43 -18.90 21.75 20.69
C PRO A 43 -20.26 22.44 20.85
N ALA A 46 -22.05 25.54 21.09
CA ALA A 46 -23.40 25.55 21.62
C ALA A 46 -23.67 26.80 22.46
N SER A 47 -23.23 26.78 23.71
CA SER A 47 -23.43 27.89 24.64
C SER A 47 -22.12 28.65 24.91
N ARG A 48 -21.00 27.95 24.77
CA ARG A 48 -19.70 28.45 25.20
C ARG A 48 -18.84 29.00 24.06
N PHE A 49 -17.80 29.76 24.44
CA PHE A 49 -16.78 30.24 23.51
C PHE A 49 -15.41 30.05 24.13
N ASN A 50 -14.37 30.12 23.32
CA ASN A 50 -12.99 30.00 23.81
C ASN A 50 -12.40 31.36 24.17
N ALA A 51 -11.39 31.36 25.03
CA ALA A 51 -10.70 32.58 25.41
C ALA A 51 -9.27 32.59 24.88
N VAL A 52 -8.86 33.73 24.33
CA VAL A 52 -7.49 33.92 23.88
C VAL A 52 -6.79 34.94 24.76
N VAL A 53 -5.65 34.54 25.32
CA VAL A 53 -4.88 35.38 26.22
C VAL A 53 -3.58 35.79 25.54
N MET A 54 -3.33 37.09 25.50
CA MET A 54 -2.17 37.64 24.80
C MET A 54 -1.49 38.77 25.59
N GLY A 55 -0.27 39.11 25.17
CA GLY A 55 0.47 40.23 25.75
C GLY A 55 0.06 41.54 25.10
N ARG A 56 0.56 42.63 25.64
CA ARG A 56 0.22 43.97 25.15
C ARG A 56 0.76 44.21 23.73
N LYS A 57 1.99 43.76 23.49
CA LYS A 57 2.64 43.95 22.18
C LYS A 57 2.07 43.03 21.09
N THR A 58 1.65 41.83 21.48
CA THR A 58 0.97 40.89 20.57
C THR A 58 -0.35 41.49 20.08
N TRP A 59 -1.04 42.19 20.99
CA TRP A 59 -2.25 42.93 20.65
C TRP A 59 -1.96 44.06 19.67
N GLU A 60 -0.84 44.75 19.88
CA GLU A 60 -0.46 45.91 19.06
C GLU A 60 0.07 45.52 17.68
N SER A 61 0.77 44.38 17.62
CA SER A 61 1.33 43.86 16.36
C SER A 61 0.24 43.43 15.39
N MET A 62 -0.94 43.15 15.95
CA MET A 62 -2.08 42.63 15.22
C MET A 62 -2.77 43.72 14.40
N PRO A 63 -3.12 43.41 13.13
CA PRO A 63 -3.85 44.37 12.29
C PRO A 63 -5.17 44.79 12.92
N ARG A 64 -5.59 46.01 12.64
CA ARG A 64 -6.78 46.60 13.26
C ARG A 64 -8.08 45.93 12.86
N LYS A 65 -8.18 45.55 11.59
CA LYS A 65 -9.37 44.87 11.04
C LYS A 65 -9.60 43.48 11.66
N PHE A 66 -8.57 42.95 12.33
CA PHE A 66 -8.64 41.62 12.93
C PHE A 66 -8.85 41.64 14.46
N ARG A 67 -8.45 42.73 15.12
CA ARG A 67 -8.59 42.84 16.57
C ARG A 67 -9.85 43.59 17.01
N PRO A 68 -10.57 43.06 18.02
CA PRO A 68 -10.30 41.80 18.73
C PRO A 68 -10.62 40.59 17.86
N LEU A 69 -10.01 39.45 18.19
CA LEU A 69 -10.28 38.19 17.49
C LEU A 69 -11.74 37.81 17.65
N VAL A 70 -12.45 37.72 16.53
CA VAL A 70 -13.89 37.48 16.52
C VAL A 70 -14.28 36.13 17.10
N ASP A 71 -15.40 36.10 17.82
CA ASP A 71 -15.97 34.90 18.45
C ASP A 71 -15.09 34.30 19.55
N ARG A 72 -14.15 35.09 20.05
CA ARG A 72 -13.25 34.65 21.11
C ARG A 72 -13.08 35.75 22.14
N LEU A 73 -13.16 35.38 23.42
CA LEU A 73 -12.91 36.33 24.49
C LEU A 73 -11.44 36.72 24.48
N ASN A 74 -11.17 37.99 24.21
CA ASN A 74 -9.82 38.50 24.18
C ASN A 74 -9.39 39.02 25.55
N ILE A 75 -8.28 38.48 26.04
CA ILE A 75 -7.68 38.96 27.29
C ILE A 75 -6.25 39.42 27.03
N VAL A 76 -5.99 40.68 27.34
CA VAL A 76 -4.65 41.25 27.17
C VAL A 76 -3.99 41.39 28.53
N VAL A 77 -2.75 40.93 28.63
CA VAL A 77 -1.94 41.11 29.82
C VAL A 77 -1.10 42.37 29.62
N SER A 78 -1.33 43.36 30.49
CA SER A 78 -0.71 44.68 30.38
C SER A 78 -0.79 45.43 31.70
N SER A 79 0.09 46.42 31.86
CA SER A 79 0.03 47.33 33.00
C SER A 79 -0.24 48.75 32.54
N SER A 80 0.17 49.07 31.31
CA SER A 80 -0.03 50.39 30.74
C SER A 80 -1.40 50.53 30.05
N LEU A 81 -1.74 49.58 29.19
CA LEU A 81 -3.04 49.60 28.50
C LEU A 81 -4.18 49.32 29.46
N LYS A 82 -5.27 50.07 29.29
CA LYS A 82 -6.47 49.91 30.10
C LYS A 82 -7.61 49.43 29.21
N GLU A 83 -8.70 48.99 29.85
CA GLU A 83 -9.85 48.44 29.12
C GLU A 83 -10.56 49.47 28.24
N GLU A 84 -10.54 50.73 28.66
CA GLU A 84 -11.13 51.81 27.86
C GLU A 84 -10.25 52.27 26.70
N ASP A 85 -8.95 52.00 26.78
CA ASP A 85 -8.03 52.26 25.67
C ASP A 85 -8.38 51.41 24.47
N ILE A 86 -8.76 50.16 24.75
CA ILE A 86 -9.17 49.19 23.72
C ILE A 86 -10.59 49.47 23.19
N ALA A 87 -11.49 49.82 24.11
CA ALA A 87 -12.89 50.13 23.76
C ALA A 87 -13.02 51.38 22.89
N ALA A 88 -12.14 52.36 23.11
CA ALA A 88 -12.11 53.58 22.32
C ALA A 88 -11.38 53.39 20.99
N GLU A 89 -10.63 52.29 20.87
CA GLU A 89 -9.88 51.96 19.66
C GLU A 89 -10.81 51.52 18.53
N LYS A 90 -11.84 50.74 18.87
CA LYS A 90 -12.84 50.28 17.89
C LYS A 90 -14.16 50.02 18.60
N PRO A 91 -15.29 50.43 17.97
CA PRO A 91 -16.61 50.12 18.53
C PRO A 91 -16.86 48.62 18.62
N GLN A 92 -17.28 48.17 19.80
CA GLN A 92 -17.61 46.77 20.04
C GLN A 92 -18.82 46.36 19.18
N ALA A 93 -18.64 45.28 18.44
CA ALA A 93 -19.71 44.73 17.62
C ALA A 93 -20.72 43.96 18.48
N GLU A 94 -21.95 43.84 17.97
CA GLU A 94 -23.02 43.15 18.68
C GLU A 94 -22.79 41.64 18.75
N GLY A 95 -22.95 41.08 19.95
CA GLY A 95 -22.76 39.64 20.16
C GLY A 95 -21.39 39.28 20.70
N GLN A 96 -20.40 40.13 20.43
CA GLN A 96 -19.01 39.89 20.84
C GLN A 96 -18.79 40.26 22.31
N GLN A 97 -17.76 39.68 22.91
CA GLN A 97 -17.34 40.00 24.28
C GLN A 97 -16.47 41.23 24.34
N ARG A 98 -16.52 41.93 25.48
CA ARG A 98 -15.63 43.06 25.70
C ARG A 98 -14.23 42.54 26.07
N VAL A 99 -13.22 43.19 25.50
CA VAL A 99 -11.83 42.80 25.75
C VAL A 99 -11.44 43.18 27.19
N ARG A 100 -10.89 42.22 27.91
CA ARG A 100 -10.46 42.42 29.29
C ARG A 100 -8.96 42.62 29.39
N VAL A 101 -8.52 43.38 30.39
CA VAL A 101 -7.10 43.61 30.64
C VAL A 101 -6.73 43.17 32.06
N CYS A 102 -5.67 42.39 32.18
CA CYS A 102 -5.17 41.93 33.47
C CYS A 102 -3.71 42.28 33.64
N ALA A 103 -3.28 42.42 34.90
CA ALA A 103 -1.91 42.84 35.22
C ALA A 103 -0.88 41.71 35.10
N SER A 104 -1.37 40.47 35.07
CA SER A 104 -0.52 39.29 34.94
C SER A 104 -1.29 38.09 34.38
N LEU A 105 -0.55 37.03 34.04
CA LEU A 105 -1.17 35.77 33.59
C LEU A 105 -1.94 35.04 34.71
N PRO A 106 -1.36 34.97 35.94
CA PRO A 106 -2.15 34.41 37.04
C PRO A 106 -3.46 35.18 37.28
N ALA A 107 -3.40 36.50 37.11
CA ALA A 107 -4.58 37.37 37.21
C ALA A 107 -5.58 37.09 36.09
N ALA A 108 -5.06 36.74 34.92
CA ALA A 108 -5.88 36.38 33.76
C ALA A 108 -6.68 35.10 34.01
N LEU A 109 -6.00 34.07 34.52
CA LEU A 109 -6.64 32.79 34.83
C LEU A 109 -7.65 32.89 35.97
N SER A 110 -7.37 33.79 36.92
CA SER A 110 -8.27 34.06 38.04
C SER A 110 -9.58 34.70 37.58
N LEU A 111 -9.47 35.61 36.61
CA LEU A 111 -10.63 36.27 36.01
C LEU A 111 -11.49 35.26 35.23
N LEU A 112 -10.82 34.31 34.59
CA LEU A 112 -11.49 33.23 33.84
C LEU A 112 -12.27 32.30 34.75
N GLU A 113 -11.83 32.17 35.99
CA GLU A 113 -12.54 31.39 37.00
C GLU A 113 -13.66 32.20 37.63
N GLU A 114 -13.34 33.41 38.10
CA GLU A 114 -14.28 34.27 38.80
C GLU A 114 -15.50 34.66 37.95
N GLU A 115 -15.25 35.30 36.82
CA GLU A 115 -16.32 35.91 36.03
C GLU A 115 -16.71 35.13 34.77
N TYR A 116 -15.87 34.17 34.37
CA TYR A 116 -16.07 33.50 33.09
C TYR A 116 -16.23 31.97 33.15
N LYS A 117 -16.53 31.44 34.34
CA LYS A 117 -16.96 30.04 34.42
C LYS A 117 -18.36 29.93 33.84
N ASP A 118 -18.64 28.78 33.21
CA ASP A 118 -19.89 28.54 32.45
C ASP A 118 -19.94 29.34 31.15
N SER A 119 -19.00 30.28 30.99
CA SER A 119 -18.92 31.12 29.79
C SER A 119 -17.90 30.58 28.78
N VAL A 120 -16.67 30.38 29.24
CA VAL A 120 -15.57 29.92 28.37
C VAL A 120 -15.34 28.42 28.44
N ASP A 121 -14.89 27.85 27.32
CA ASP A 121 -14.60 26.42 27.23
C ASP A 121 -13.11 26.16 27.35
N GLN A 122 -12.33 26.63 26.38
CA GLN A 122 -10.88 26.44 26.36
C GLN A 122 -10.12 27.76 26.40
N ILE A 123 -8.98 27.73 27.07
CA ILE A 123 -8.10 28.89 27.17
C ILE A 123 -6.89 28.68 26.26
N PHE A 124 -6.50 29.74 25.57
CA PHE A 124 -5.34 29.68 24.68
C PHE A 124 -4.39 30.86 24.91
N VAL A 125 -3.18 30.55 25.34
CA VAL A 125 -2.11 31.53 25.40
C VAL A 125 -1.60 31.72 23.97
N VAL A 126 -1.64 32.97 23.50
CA VAL A 126 -1.44 33.29 22.09
C VAL A 126 -0.20 34.17 21.84
N GLY A 127 0.53 34.50 22.90
CA GLY A 127 1.78 35.25 22.76
C GLY A 127 1.81 36.55 23.54
N GLY A 128 2.98 37.19 23.63
CA GLY A 128 4.22 36.69 23.03
C GLY A 128 5.11 35.97 24.03
N ALA A 129 6.43 36.16 23.89
CA ALA A 129 7.43 35.49 24.72
C ALA A 129 7.15 35.61 26.22
N GLY A 130 6.74 36.81 26.65
CA GLY A 130 6.40 37.09 28.04
C GLY A 130 5.33 36.16 28.62
N LEU A 131 4.27 35.92 27.84
CA LEU A 131 3.18 35.06 28.27
C LEU A 131 3.51 33.58 28.17
N TYR A 132 4.25 33.20 27.12
CA TYR A 132 4.68 31.81 26.96
C TYR A 132 5.62 31.40 28.08
N GLU A 133 6.52 32.32 28.45
CA GLU A 133 7.46 32.10 29.53
C GLU A 133 6.74 31.86 30.86
N ALA A 134 5.69 32.67 31.11
CA ALA A 134 4.92 32.57 32.34
C ALA A 134 4.08 31.30 32.40
N ALA A 135 3.47 30.92 31.27
CA ALA A 135 2.62 29.73 31.19
C ALA A 135 3.37 28.41 31.38
N LEU A 136 4.64 28.41 30.97
CA LEU A 136 5.53 27.27 31.18
C LEU A 136 6.12 27.26 32.59
N SER A 137 6.29 28.46 33.16
CA SER A 137 6.76 28.63 34.54
C SER A 137 5.70 28.14 35.54
N LEU A 138 4.46 28.56 35.32
CA LEU A 138 3.33 28.13 36.13
C LEU A 138 3.05 26.64 35.98
N GLY A 139 3.36 26.10 34.79
CA GLY A 139 3.10 24.70 34.48
C GLY A 139 1.63 24.42 34.26
N VAL A 140 0.92 25.39 33.70
CA VAL A 140 -0.51 25.25 33.42
C VAL A 140 -0.78 24.78 31.98
N ALA A 141 0.29 24.70 31.19
CA ALA A 141 0.20 24.29 29.78
C ALA A 141 0.11 22.77 29.64
N SER A 142 -1.07 22.30 29.26
CA SER A 142 -1.30 20.88 29.02
C SER A 142 -0.89 20.46 27.61
N HIS A 143 -1.02 21.39 26.65
CA HIS A 143 -0.68 21.12 25.25
C HIS A 143 -0.05 22.32 24.54
N LEU A 144 0.86 22.03 23.61
CA LEU A 144 1.49 23.07 22.80
C LEU A 144 1.21 22.84 21.31
N TYR A 145 0.43 23.74 20.72
CA TYR A 145 0.20 23.73 19.28
C TYR A 145 1.30 24.53 18.59
N ILE A 146 2.27 23.81 18.04
CA ILE A 146 3.44 24.44 17.45
C ILE A 146 3.44 24.28 15.94
N THR A 147 3.52 25.41 15.24
CA THR A 147 3.72 25.42 13.81
C THR A 147 5.20 25.62 13.55
N ARG A 148 5.86 24.56 13.08
CA ARG A 148 7.31 24.59 12.86
C ARG A 148 7.62 25.19 11.50
N VAL A 149 7.98 26.47 11.49
CA VAL A 149 8.49 27.11 10.28
C VAL A 149 9.93 26.65 10.07
N ALA A 150 10.17 25.92 8.98
CA ALA A 150 11.46 25.28 8.74
C ALA A 150 12.57 26.25 8.38
N ARG A 151 12.18 27.42 7.88
CA ARG A 151 13.15 28.43 7.44
C ARG A 151 13.55 29.39 8.55
N GLU A 152 14.85 29.70 8.59
CA GLU A 152 15.39 30.64 9.54
C GLU A 152 15.12 32.07 9.06
N PHE A 153 14.62 32.91 9.96
CA PHE A 153 14.35 34.32 9.66
C PHE A 153 14.92 35.23 10.74
N PRO A 154 15.20 36.50 10.40
CA PRO A 154 15.59 37.48 11.40
C PRO A 154 14.50 37.64 12.45
N CYS A 155 14.87 37.48 13.72
CA CYS A 155 13.94 37.62 14.84
C CYS A 155 14.60 38.28 16.03
N ASP A 156 13.83 39.03 16.81
CA ASP A 156 14.32 39.62 18.05
C ASP A 156 13.55 39.11 19.28
N VAL A 157 12.43 38.42 19.04
CA VAL A 157 11.63 37.83 20.09
C VAL A 157 11.55 36.32 19.89
N PHE A 158 11.87 35.55 20.93
CA PHE A 158 11.97 34.09 20.83
C PHE A 158 11.06 33.37 21.82
N PHE A 159 10.59 32.19 21.43
CA PHE A 159 9.86 31.28 22.31
C PHE A 159 10.85 30.73 23.33
N PRO A 160 10.44 30.63 24.62
CA PRO A 160 11.38 30.18 25.65
C PRO A 160 11.84 28.74 25.46
N ALA A 161 12.98 28.40 26.05
CA ALA A 161 13.50 27.02 26.00
C ALA A 161 12.64 26.11 26.87
N PHE A 162 12.32 24.93 26.36
CA PHE A 162 11.50 23.96 27.09
C PHE A 162 12.00 22.53 26.93
N PRO A 163 11.85 21.68 27.98
CA PRO A 163 12.19 20.27 27.85
C PRO A 163 11.41 19.62 26.70
N GLY A 164 12.14 19.16 25.69
CA GLY A 164 11.53 18.57 24.51
C GLY A 164 11.47 19.51 23.32
N ASP A 165 12.32 20.54 23.33
CA ASP A 165 12.46 21.44 22.18
C ASP A 165 13.42 20.87 21.13
N ASP A 166 13.63 19.56 21.21
CA ASP A 166 14.42 18.82 20.23
C ASP A 166 13.62 18.61 18.95
N ILE A 167 12.31 18.85 19.01
CA ILE A 167 11.47 18.80 17.81
C ILE A 167 11.76 19.93 16.84
N LEU A 168 12.39 21.00 17.33
CA LEU A 168 12.70 22.17 16.52
C LEU A 168 14.05 22.05 15.80
N SER A 169 15.11 21.79 16.56
CA SER A 169 16.44 21.60 16.00
C SER A 169 17.28 20.66 16.85
N ASN A 170 18.54 20.48 16.47
CA ASN A 170 19.47 19.66 17.23
C ASN A 170 20.03 20.38 18.47
N LYS A 171 20.48 19.58 19.43
CA LYS A 171 21.06 20.10 20.67
C LYS A 171 22.55 19.75 20.75
N ALA A 181 8.99 17.11 34.19
CA ALA A 181 7.93 17.28 33.20
C ALA A 181 8.47 17.67 31.84
N THR A 182 8.11 16.88 30.82
CA THR A 182 8.59 17.11 29.45
C THR A 182 7.43 17.15 28.43
N TYR A 183 7.65 17.85 27.32
CA TYR A 183 6.64 18.02 26.28
C TYR A 183 6.96 17.15 25.05
N ARG A 184 6.29 16.00 24.96
CA ARG A 184 6.50 15.04 23.86
C ARG A 184 5.44 15.15 22.78
N PRO A 185 5.84 15.01 21.50
CA PRO A 185 4.90 15.07 20.38
C PRO A 185 3.88 13.94 20.39
N ILE A 186 2.64 14.28 20.05
CA ILE A 186 1.56 13.31 19.93
C ILE A 186 0.92 13.40 18.54
N PHE A 187 1.42 14.37 17.75
CA PHE A 187 0.86 14.71 16.44
C PHE A 187 1.96 15.36 15.62
N ILE A 188 2.23 14.83 14.44
CA ILE A 188 3.13 15.47 13.47
C ILE A 188 2.53 15.38 12.08
N SER A 189 2.26 16.53 11.47
CA SER A 189 1.59 16.60 10.18
C SER A 189 2.58 16.55 9.00
N LYS A 190 2.04 16.46 7.79
CA LYS A 190 2.85 16.54 6.57
C LYS A 190 3.26 17.99 6.35
N THR A 191 4.30 18.20 5.55
CA THR A 191 4.84 19.53 5.31
C THR A 191 3.97 20.34 4.34
N PHE A 192 3.60 21.54 4.78
CA PHE A 192 2.91 22.53 3.97
C PHE A 192 3.92 23.62 3.60
N SER A 193 3.58 24.44 2.60
CA SER A 193 4.38 25.61 2.27
C SER A 193 3.57 26.73 1.64
N ASP A 194 3.86 27.96 2.07
CA ASP A 194 3.28 29.16 1.50
C ASP A 194 4.40 30.18 1.31
N ASN A 195 4.42 30.84 0.15
CA ASN A 195 5.42 31.84 -0.20
C ASN A 195 6.88 31.37 -0.08
N GLY A 196 7.11 30.12 -0.49
CA GLY A 196 8.46 29.53 -0.46
C GLY A 196 8.98 29.24 0.94
N VAL A 197 8.05 29.12 1.90
CA VAL A 197 8.41 28.84 3.29
C VAL A 197 7.77 27.53 3.73
N PRO A 198 8.59 26.47 3.89
CA PRO A 198 8.06 25.18 4.34
C PRO A 198 7.77 25.17 5.83
N TYR A 199 6.70 24.47 6.22
CA TYR A 199 6.32 24.32 7.63
C TYR A 199 5.34 23.18 7.85
N ASP A 200 5.31 22.67 9.07
CA ASP A 200 4.32 21.66 9.45
C ASP A 200 3.72 21.94 10.83
N PHE A 201 2.79 21.10 11.25
CA PHE A 201 2.10 21.28 12.52
C PHE A 201 2.36 20.11 13.46
N VAL A 202 2.73 20.45 14.69
CA VAL A 202 2.87 19.44 15.74
C VAL A 202 2.01 19.82 16.94
N VAL A 203 1.60 18.81 17.71
CA VAL A 203 0.91 19.03 18.97
C VAL A 203 1.68 18.30 20.05
N LEU A 204 2.20 19.05 21.03
CA LEU A 204 2.92 18.45 22.14
C LEU A 204 1.99 18.25 23.33
N GLU A 205 2.39 17.37 24.24
CA GLU A 205 1.60 17.01 25.42
C GLU A 205 2.52 16.97 26.64
N LYS A 206 2.08 17.57 27.74
CA LYS A 206 2.85 17.52 28.99
C LYS A 206 2.71 16.13 29.62
N ARG A 207 3.84 15.49 29.87
CA ARG A 207 3.84 14.07 30.25
C ARG A 207 4.43 13.75 31.61
N ARG A 208 5.65 14.24 31.87
CA ARG A 208 6.46 13.82 33.03
C ARG A 208 6.78 12.33 32.94
N SER A 241 -25.97 -8.05 19.09
CA SER A 241 -25.34 -8.84 18.03
C SER A 241 -25.37 -8.12 16.68
N SER A 242 -25.11 -6.81 16.71
CA SER A 242 -25.06 -6.00 15.50
C SER A 242 -23.77 -6.27 14.71
N ALA A 243 -22.64 -6.16 15.42
CA ALA A 243 -21.32 -6.44 14.85
C ALA A 243 -20.54 -7.40 15.73
N ALA A 244 -21.05 -7.64 16.94
CA ALA A 244 -20.44 -8.56 17.90
C ALA A 244 -20.62 -10.02 17.47
N ALA A 245 -21.62 -10.28 16.64
CA ALA A 245 -21.86 -11.61 16.08
C ALA A 245 -20.92 -11.93 14.92
N ILE A 246 -19.93 -11.06 14.71
CA ILE A 246 -18.92 -11.24 13.67
C ILE A 246 -17.55 -11.43 14.32
N ALA A 247 -17.41 -10.91 15.54
CA ALA A 247 -16.14 -10.88 16.28
C ALA A 247 -15.52 -12.24 16.70
N PRO A 248 -16.36 -13.30 16.90
CA PRO A 248 -15.78 -14.62 17.21
C PRO A 248 -14.97 -15.24 16.06
N VAL A 249 -15.41 -15.03 14.82
CA VAL A 249 -14.68 -15.52 13.65
C VAL A 249 -13.43 -14.67 13.42
N LEU A 250 -13.53 -13.38 13.76
CA LEU A 250 -12.39 -12.48 13.75
C LEU A 250 -11.35 -12.83 14.80
N ALA A 251 -11.81 -13.40 15.92
CA ALA A 251 -10.97 -13.71 17.08
C ALA A 251 -9.89 -14.77 16.80
N TRP A 252 -10.27 -15.83 16.09
CA TRP A 252 -9.33 -16.91 15.77
C TRP A 252 -8.46 -16.61 14.53
N MET A 253 -8.92 -15.68 13.70
CA MET A 253 -8.16 -15.23 12.54
C MET A 253 -7.16 -14.13 12.93
N ASP A 254 -7.38 -13.54 14.10
CA ASP A 254 -6.59 -12.40 14.57
C ASP A 254 -5.24 -12.81 15.16
N GLU A 255 -4.28 -11.89 15.09
CA GLU A 255 -2.95 -12.06 15.68
C GLU A 255 -2.59 -10.89 16.58
N LEU A 266 6.96 -5.28 17.67
CA LEU A 266 7.84 -5.04 18.81
C LEU A 266 8.57 -3.71 18.70
N ILE A 267 9.13 -3.42 17.53
CA ILE A 267 9.80 -2.14 17.30
C ILE A 267 8.88 -1.21 16.52
N ARG A 268 8.64 -0.03 17.10
CA ARG A 268 7.84 1.01 16.47
C ARG A 268 8.57 2.34 16.55
N ALA A 269 8.40 3.16 15.50
CA ALA A 269 9.05 4.45 15.45
C ALA A 269 8.20 5.51 16.14
N VAL A 270 8.82 6.17 17.12
CA VAL A 270 8.20 7.27 17.84
C VAL A 270 6.77 6.88 18.22
N PRO A 271 6.61 5.79 19.01
CA PRO A 271 5.29 5.20 19.11
C PRO A 271 4.28 6.12 19.73
N HIS A 272 4.75 7.03 20.59
CA HIS A 272 3.87 7.96 21.27
C HIS A 272 3.16 8.90 20.31
N VAL A 273 3.84 9.29 19.22
CA VAL A 273 3.22 10.08 18.17
C VAL A 273 2.09 9.26 17.55
N HIS A 274 0.85 9.67 17.83
CA HIS A 274 -0.34 8.92 17.40
C HIS A 274 -0.80 9.26 15.98
N PHE A 275 -0.94 10.54 15.67
CA PHE A 275 -1.19 10.96 14.29
C PHE A 275 0.12 11.07 13.53
N ARG A 276 0.23 10.30 12.46
CA ARG A 276 1.47 10.19 11.71
C ARG A 276 1.33 10.70 10.28
N GLY A 277 1.01 12.00 10.18
CA GLY A 277 0.82 12.65 8.89
C GLY A 277 2.10 12.73 8.10
N HIS A 278 3.18 13.17 8.74
CA HIS A 278 4.49 13.33 8.09
C HIS A 278 4.82 12.11 7.22
N GLU A 279 5.07 12.36 5.94
CA GLU A 279 5.31 11.29 4.97
C GLU A 279 6.60 10.50 5.21
N GLU A 280 7.47 11.02 6.07
CA GLU A 280 8.70 10.34 6.46
C GLU A 280 8.40 9.08 7.26
N PHE A 281 7.25 9.08 7.94
CA PHE A 281 6.79 7.92 8.69
C PHE A 281 6.71 6.66 7.82
N GLN A 282 6.51 6.85 6.52
CA GLN A 282 6.55 5.74 5.56
C GLN A 282 7.89 5.02 5.63
N TYR A 283 8.97 5.80 5.60
CA TYR A 283 10.32 5.25 5.65
C TYR A 283 10.62 4.63 7.01
N LEU A 284 10.19 5.31 8.07
CA LEU A 284 10.42 4.86 9.44
C LEU A 284 9.66 3.57 9.77
N ASP A 285 8.40 3.49 9.35
CA ASP A 285 7.59 2.28 9.56
C ASP A 285 8.07 1.13 8.69
N LEU A 286 8.71 1.47 7.58
CA LEU A 286 9.28 0.48 6.67
C LEU A 286 10.54 -0.16 7.28
N ILE A 287 11.29 0.62 8.05
CA ILE A 287 12.43 0.10 8.80
C ILE A 287 11.95 -0.86 9.89
N ALA A 288 10.98 -0.41 10.67
CA ALA A 288 10.39 -1.19 11.76
C ALA A 288 9.72 -2.47 11.26
N ASP A 289 9.11 -2.40 10.06
CA ASP A 289 8.44 -3.54 9.45
C ASP A 289 9.41 -4.63 9.00
N ILE A 290 10.55 -4.22 8.45
CA ILE A 290 11.59 -5.15 8.02
C ILE A 290 12.20 -5.87 9.22
N ILE A 291 12.51 -5.11 10.26
CA ILE A 291 13.12 -5.67 11.47
C ILE A 291 12.18 -6.65 12.18
N ASN A 292 10.91 -6.28 12.33
CA ASN A 292 9.93 -7.13 13.02
C ASN A 292 9.45 -8.33 12.21
N ASN A 293 9.24 -8.14 10.90
CA ASN A 293 8.63 -9.18 10.08
C ASN A 293 9.52 -9.78 9.00
N GLY A 294 10.66 -9.13 8.74
CA GLY A 294 11.59 -9.58 7.71
C GLY A 294 12.28 -10.89 8.05
N ARG A 295 12.88 -11.50 7.02
CA ARG A 295 13.53 -12.80 7.16
C ARG A 295 15.04 -12.69 7.01
N THR A 296 15.77 -13.43 7.83
CA THR A 296 17.22 -13.35 7.81
C THR A 296 17.81 -14.21 6.71
N MET A 297 18.46 -13.54 5.74
CA MET A 297 19.03 -14.20 4.58
C MET A 297 20.55 -14.02 4.53
N ASP A 298 21.20 -14.86 3.72
CA ASP A 298 22.58 -14.61 3.31
C ASP A 298 22.56 -13.61 2.16
N ASP A 299 23.74 -13.20 1.69
CA ASP A 299 23.86 -12.07 0.78
C ASP A 299 25.15 -12.15 -0.04
N ARG A 300 25.12 -11.57 -1.24
CA ARG A 300 26.30 -11.49 -2.11
C ARG A 300 27.55 -10.98 -1.38
N THR A 301 27.39 -9.91 -0.59
CA THR A 301 28.52 -9.27 0.09
C THR A 301 29.10 -10.14 1.21
N GLY A 302 28.28 -11.04 1.76
CA GLY A 302 28.69 -11.87 2.88
C GLY A 302 28.11 -11.37 4.19
N VAL A 303 27.80 -10.08 4.24
CA VAL A 303 27.15 -9.46 5.39
C VAL A 303 25.70 -9.95 5.47
N GLY A 304 25.22 -10.17 6.69
CA GLY A 304 23.85 -10.62 6.92
C GLY A 304 22.82 -9.61 6.46
N VAL A 305 21.62 -10.08 6.19
CA VAL A 305 20.53 -9.26 5.68
C VAL A 305 19.19 -9.69 6.26
N ILE A 306 18.41 -8.73 6.75
CA ILE A 306 16.99 -8.94 7.02
C ILE A 306 16.20 -8.30 5.87
N SER A 307 15.33 -9.08 5.23
CA SER A 307 14.71 -8.63 3.99
C SER A 307 13.19 -8.86 3.90
N LYS A 308 12.54 -8.06 3.07
CA LYS A 308 11.14 -8.25 2.69
C LYS A 308 11.02 -8.03 1.18
N PHE A 309 9.86 -8.37 0.62
CA PHE A 309 9.66 -8.29 -0.82
C PHE A 309 8.37 -7.55 -1.20
N GLY A 310 8.53 -6.54 -2.05
CA GLY A 310 7.39 -5.76 -2.53
C GLY A 310 6.99 -4.66 -1.58
N CYS A 311 7.75 -3.58 -1.56
CA CYS A 311 7.47 -2.48 -0.66
C CYS A 311 7.23 -1.17 -1.41
N THR A 312 6.33 -0.36 -0.89
CA THR A 312 5.88 0.83 -1.61
C THR A 312 5.88 2.06 -0.72
N MET A 313 6.40 3.16 -1.28
CA MET A 313 6.28 4.47 -0.64
C MET A 313 5.88 5.50 -1.69
N ARG A 314 5.25 6.57 -1.24
CA ARG A 314 5.00 7.72 -2.10
C ARG A 314 5.15 9.05 -1.37
N TYR A 315 5.73 10.02 -2.06
CA TYR A 315 5.99 11.33 -1.48
C TYR A 315 5.47 12.44 -2.38
N SER A 316 4.81 13.42 -1.76
CA SER A 316 4.31 14.60 -2.46
C SER A 316 5.48 15.52 -2.83
N LEU A 317 5.33 16.21 -3.97
CA LEU A 317 6.38 17.10 -4.46
C LEU A 317 5.88 18.54 -4.65
N ASP A 318 4.57 18.73 -4.49
CA ASP A 318 3.93 20.04 -4.70
C ASP A 318 4.25 21.06 -3.59
N GLN A 319 4.33 20.59 -2.35
CA GLN A 319 4.50 21.47 -1.19
C GLN A 319 5.96 21.54 -0.74
N ALA A 320 6.56 20.38 -0.54
CA ALA A 320 7.94 20.28 -0.07
C ALA A 320 8.70 19.16 -0.76
N PHE A 321 9.95 18.95 -0.35
CA PHE A 321 10.83 17.95 -0.96
C PHE A 321 11.18 16.87 0.06
N PRO A 322 11.04 15.57 -0.34
CA PRO A 322 11.31 14.47 0.58
C PRO A 322 12.79 14.20 0.79
N LEU A 323 13.51 15.22 1.25
CA LEU A 323 14.87 15.04 1.74
C LEU A 323 14.78 14.69 3.22
N LEU A 324 14.93 13.41 3.52
CA LEU A 324 14.66 12.86 4.85
C LEU A 324 15.38 13.62 5.96
N THR A 325 14.65 13.88 7.04
CA THR A 325 15.14 14.73 8.13
C THR A 325 15.65 13.96 9.34
N THR A 326 15.22 12.70 9.45
CA THR A 326 15.55 11.87 10.62
C THR A 326 17.03 11.45 10.66
N LYS A 327 17.71 11.63 9.53
CA LYS A 327 19.18 11.65 9.44
C LYS A 327 19.58 12.57 8.29
N ARG A 328 20.79 13.12 8.36
CA ARG A 328 21.28 14.03 7.31
C ARG A 328 21.64 13.27 6.04
N VAL A 329 20.94 13.61 4.96
CA VAL A 329 21.17 13.01 3.65
C VAL A 329 22.24 13.80 2.89
N PHE A 330 23.16 13.07 2.28
CA PHE A 330 24.24 13.66 1.48
C PHE A 330 23.69 14.22 0.17
N TRP A 331 23.12 15.43 0.24
CA TRP A 331 22.46 16.05 -0.91
C TRP A 331 23.42 16.37 -2.06
N LYS A 332 24.59 16.90 -1.70
CA LYS A 332 25.65 17.17 -2.68
C LYS A 332 25.92 15.91 -3.53
N GLY A 333 25.81 14.74 -2.89
CA GLY A 333 25.95 13.46 -3.57
C GLY A 333 24.81 13.13 -4.51
N VAL A 334 23.57 13.44 -4.10
CA VAL A 334 22.41 13.13 -4.93
C VAL A 334 22.36 14.03 -6.17
N LEU A 335 22.77 15.28 -6.00
CA LEU A 335 22.77 16.25 -7.08
C LEU A 335 23.86 15.92 -8.11
N GLU A 336 25.05 15.63 -7.63
CA GLU A 336 26.20 15.40 -8.49
C GLU A 336 26.11 14.07 -9.24
N GLU A 337 25.52 13.06 -8.58
CA GLU A 337 25.32 11.76 -9.19
C GLU A 337 24.26 11.81 -10.29
N LEU A 338 23.21 12.61 -10.08
CA LEU A 338 22.10 12.72 -11.03
C LEU A 338 22.51 13.46 -12.30
N LEU A 339 23.30 14.52 -12.12
CA LEU A 339 23.87 15.26 -13.25
C LEU A 339 24.89 14.40 -13.99
N TRP A 340 25.58 13.57 -13.22
CA TRP A 340 26.48 12.56 -13.75
C TRP A 340 25.73 11.55 -14.62
N PHE A 341 24.56 11.11 -14.14
CA PHE A 341 23.68 10.21 -14.89
C PHE A 341 23.23 10.87 -16.20
N ILE A 342 22.70 12.09 -16.07
CA ILE A 342 22.14 12.83 -17.20
C ILE A 342 23.15 12.97 -18.35
N ARG A 343 24.41 13.21 -18.01
CA ARG A 343 25.48 13.35 -19.02
C ARG A 343 25.82 12.02 -19.69
N GLY A 344 25.30 10.91 -19.15
CA GLY A 344 25.64 9.58 -19.65
C GLY A 344 27.06 9.21 -19.29
N ASP A 345 27.56 9.83 -18.22
CA ASP A 345 28.93 9.67 -17.77
C ASP A 345 29.12 8.35 -17.02
N THR A 346 30.12 7.59 -17.42
CA THR A 346 30.41 6.29 -16.84
C THR A 346 31.72 6.32 -16.05
N ASN A 347 32.30 7.51 -15.93
CA ASN A 347 33.56 7.72 -15.23
C ASN A 347 33.29 8.16 -13.79
N ALA A 348 33.53 7.27 -12.84
CA ALA A 348 33.28 7.55 -11.42
C ALA A 348 34.28 8.54 -10.81
N ASN A 349 35.43 8.71 -11.48
CA ASN A 349 36.46 9.64 -11.03
C ASN A 349 36.02 11.10 -11.15
N HIS A 350 35.05 11.37 -12.02
CA HIS A 350 34.47 12.70 -12.14
C HIS A 350 33.60 13.03 -10.92
N LEU A 351 33.05 12.00 -10.29
CA LEU A 351 32.34 12.15 -9.03
C LEU A 351 33.33 12.23 -7.88
N SER A 352 34.37 11.39 -7.95
CA SER A 352 35.35 11.25 -6.89
C SER A 352 36.20 12.50 -6.72
N GLU A 353 36.45 13.22 -7.81
CA GLU A 353 37.20 14.47 -7.78
C GLU A 353 36.39 15.59 -7.10
N LYS A 354 35.06 15.47 -7.14
CA LYS A 354 34.16 16.50 -6.61
C LYS A 354 33.79 16.23 -5.15
N GLY A 355 34.35 15.16 -4.57
CA GLY A 355 34.08 14.80 -3.19
C GLY A 355 32.93 13.82 -3.01
N VAL A 356 32.53 13.18 -4.12
CA VAL A 356 31.47 12.18 -4.09
C VAL A 356 32.06 10.81 -4.39
N LYS A 357 32.33 10.05 -3.32
CA LYS A 357 33.05 8.79 -3.41
C LYS A 357 32.13 7.58 -3.27
N ILE A 358 30.85 7.77 -3.60
CA ILE A 358 29.83 6.73 -3.43
C ILE A 358 30.06 5.52 -4.34
N TRP A 359 30.84 5.71 -5.39
CA TRP A 359 31.07 4.69 -6.42
C TRP A 359 32.45 4.05 -6.39
N ASP A 360 33.36 4.65 -5.62
CA ASP A 360 34.78 4.25 -5.58
C ASP A 360 35.03 2.80 -5.15
N LYS A 361 34.24 2.32 -4.18
CA LYS A 361 34.39 0.97 -3.66
C LYS A 361 33.96 -0.12 -4.63
N ASN A 362 33.29 0.28 -5.70
CA ASN A 362 32.80 -0.64 -6.72
C ASN A 362 33.47 -0.43 -8.07
N VAL A 363 34.52 0.39 -8.09
CA VAL A 363 35.31 0.63 -9.31
C VAL A 363 36.81 0.43 -9.09
N THR A 364 37.17 -0.13 -7.94
CA THR A 364 38.56 -0.45 -7.62
C THR A 364 39.06 -1.60 -8.51
N ARG A 365 40.38 -1.66 -8.67
CA ARG A 365 41.01 -2.76 -9.41
C ARG A 365 40.55 -4.12 -8.89
N GLU A 366 40.35 -4.22 -7.58
CA GLU A 366 39.97 -5.47 -6.94
C GLU A 366 38.53 -5.89 -7.27
N PHE A 367 37.60 -4.96 -7.20
CA PHE A 367 36.19 -5.25 -7.46
C PHE A 367 35.90 -5.48 -8.95
N LEU A 368 36.61 -4.76 -9.80
CA LEU A 368 36.51 -4.94 -11.25
C LEU A 368 36.99 -6.32 -11.67
N ASP A 369 38.02 -6.83 -10.99
CA ASP A 369 38.56 -8.16 -11.27
C ASP A 369 37.66 -9.28 -10.74
N SER A 370 37.00 -9.04 -9.61
CA SER A 370 36.05 -9.99 -9.05
C SER A 370 34.77 -10.06 -9.87
N ARG A 371 34.57 -9.04 -10.71
CA ARG A 371 33.48 -8.99 -11.66
C ARG A 371 33.94 -9.57 -13.01
N ASN A 372 35.18 -10.06 -13.04
CA ASN A 372 35.82 -10.59 -14.25
C ASN A 372 35.94 -9.54 -15.37
N LEU A 373 36.35 -8.34 -14.97
CA LEU A 373 36.60 -7.24 -15.90
C LEU A 373 38.00 -6.68 -15.67
N PRO A 374 39.05 -7.39 -16.16
CA PRO A 374 40.42 -6.93 -15.96
C PRO A 374 40.78 -5.74 -16.85
N HIS A 375 40.13 -5.64 -18.00
CA HIS A 375 40.41 -4.59 -18.98
C HIS A 375 39.83 -3.23 -18.65
N ARG A 376 39.00 -3.17 -17.61
CA ARG A 376 38.38 -1.92 -17.17
C ARG A 376 39.36 -1.05 -16.39
N GLU A 377 39.46 0.21 -16.79
CA GLU A 377 40.26 1.19 -16.06
C GLU A 377 39.56 1.49 -14.73
N VAL A 378 40.33 1.90 -13.73
CA VAL A 378 39.77 2.22 -12.41
C VAL A 378 38.87 3.44 -12.52
N GLY A 379 37.60 3.27 -12.15
CA GLY A 379 36.60 4.33 -12.25
C GLY A 379 35.49 4.00 -13.23
N ASP A 380 35.82 3.20 -14.23
CA ASP A 380 34.87 2.81 -15.27
C ASP A 380 33.79 1.91 -14.72
N ILE A 381 32.56 2.41 -14.64
CA ILE A 381 31.42 1.64 -14.15
C ILE A 381 30.81 0.75 -15.24
N GLY A 382 31.38 0.82 -16.44
CA GLY A 382 30.87 0.10 -17.60
C GLY A 382 29.62 0.79 -18.11
N PRO A 383 28.82 0.08 -18.91
CA PRO A 383 27.60 0.70 -19.42
C PRO A 383 26.46 0.73 -18.39
N GLY A 384 26.65 1.52 -17.34
CA GLY A 384 25.68 1.61 -16.24
C GLY A 384 24.56 2.58 -16.53
N TYR A 385 23.94 3.08 -15.46
CA TYR A 385 22.72 3.89 -15.56
C TYR A 385 22.83 5.02 -16.54
N GLY A 386 23.87 5.84 -16.37
CA GLY A 386 24.08 6.99 -17.24
C GLY A 386 24.05 6.57 -18.68
N PHE A 387 24.75 5.48 -18.98
CA PHE A 387 24.93 5.02 -20.34
C PHE A 387 23.63 4.57 -21.00
N GLN A 388 22.86 3.76 -20.28
CA GLN A 388 21.65 3.16 -20.81
C GLN A 388 20.52 4.18 -20.96
N TRP A 389 20.55 5.22 -20.13
CA TRP A 389 19.60 6.32 -20.20
C TRP A 389 19.74 7.07 -21.52
N ARG A 390 20.97 7.41 -21.87
CA ARG A 390 21.24 8.29 -23.01
C ARG A 390 21.66 7.54 -24.27
N HIS A 391 22.08 6.28 -24.11
CA HIS A 391 22.61 5.50 -25.23
C HIS A 391 22.25 4.02 -25.15
N PHE A 392 21.00 3.71 -24.83
CA PHE A 392 20.59 2.31 -24.66
C PHE A 392 20.98 1.45 -25.86
N GLY A 393 21.64 0.33 -25.59
CA GLY A 393 21.99 -0.64 -26.61
C GLY A 393 23.33 -0.41 -27.29
N ALA A 394 23.85 0.81 -27.17
CA ALA A 394 25.12 1.17 -27.80
C ALA A 394 26.29 0.30 -27.32
N ALA A 395 27.16 -0.08 -28.26
CA ALA A 395 28.33 -0.91 -27.97
C ALA A 395 29.36 -0.12 -27.18
N TYR A 396 29.66 -0.60 -25.97
CA TYR A 396 30.55 0.09 -25.05
C TYR A 396 32.03 -0.21 -25.32
N LYS A 397 32.86 0.82 -25.21
CA LYS A 397 34.31 0.67 -25.31
C LYS A 397 34.96 0.97 -23.96
N ASP A 398 35.00 2.26 -23.60
CA ASP A 398 35.50 2.71 -22.30
C ASP A 398 34.83 4.03 -21.88
N MET A 399 35.19 4.55 -20.71
CA MET A 399 34.60 5.77 -20.18
C MET A 399 35.03 7.05 -20.93
N HIS A 400 36.10 6.93 -21.73
CA HIS A 400 36.67 8.08 -22.44
C HIS A 400 36.10 8.27 -23.84
N THR A 401 35.32 7.31 -24.33
CA THR A 401 34.79 7.35 -25.68
C THR A 401 33.55 8.26 -25.78
N ASP A 402 33.39 8.90 -26.93
CA ASP A 402 32.22 9.74 -27.21
C ASP A 402 31.14 8.91 -27.89
N TYR A 403 29.99 8.81 -27.22
CA TYR A 403 28.88 7.95 -27.68
C TYR A 403 27.69 8.74 -28.22
N THR A 404 27.91 10.03 -28.50
CA THR A 404 26.85 10.89 -29.03
C THR A 404 26.26 10.33 -30.33
N GLY A 405 24.94 10.19 -30.34
CA GLY A 405 24.22 9.66 -31.51
C GLY A 405 24.09 8.15 -31.52
N GLN A 406 24.77 7.48 -30.59
CA GLN A 406 24.74 6.02 -30.49
C GLN A 406 23.69 5.57 -29.48
N GLY A 407 22.95 4.52 -29.83
CA GLY A 407 21.94 3.95 -28.93
C GLY A 407 20.71 4.81 -28.77
N VAL A 408 19.77 4.34 -27.95
CA VAL A 408 18.52 5.04 -27.71
C VAL A 408 18.69 6.09 -26.61
N ASP A 409 18.31 7.33 -26.93
CA ASP A 409 18.29 8.41 -25.96
C ASP A 409 16.93 8.42 -25.27
N GLN A 410 16.80 7.61 -24.22
CA GLN A 410 15.52 7.40 -23.54
C GLN A 410 15.02 8.66 -22.85
N LEU A 411 15.94 9.47 -22.35
CA LEU A 411 15.61 10.69 -21.63
C LEU A 411 14.97 11.73 -22.55
N LYS A 412 15.56 11.91 -23.73
CA LYS A 412 15.03 12.81 -24.75
C LYS A 412 13.64 12.37 -25.19
N ASN A 413 13.48 11.07 -25.42
CA ASN A 413 12.19 10.48 -25.81
C ASN A 413 11.11 10.70 -24.78
N VAL A 414 11.47 10.56 -23.50
CA VAL A 414 10.55 10.76 -22.40
C VAL A 414 10.07 12.21 -22.34
N ILE A 415 11.03 13.14 -22.37
CA ILE A 415 10.74 14.57 -22.33
C ILE A 415 9.90 15.02 -23.53
N GLN A 416 10.33 14.63 -24.72
CA GLN A 416 9.62 15.00 -25.95
C GLN A 416 8.20 14.47 -25.98
N MET A 417 8.00 13.24 -25.47
CA MET A 417 6.67 12.68 -25.36
C MET A 417 5.84 13.49 -24.36
N LEU A 418 6.45 13.84 -23.23
CA LEU A 418 5.78 14.66 -22.22
C LEU A 418 5.33 16.02 -22.75
N ARG A 419 6.20 16.68 -23.51
CA ARG A 419 5.93 18.02 -24.03
C ARG A 419 4.94 18.04 -25.19
N THR A 420 4.75 16.90 -25.85
CA THR A 420 3.90 16.82 -27.04
C THR A 420 2.66 15.97 -26.84
N ASN A 421 2.81 14.80 -26.22
CA ASN A 421 1.70 13.87 -26.01
C ASN A 421 1.70 13.28 -24.59
N PRO A 422 1.27 14.07 -23.59
CA PRO A 422 1.36 13.66 -22.19
C PRO A 422 0.45 12.50 -21.77
N THR A 423 -0.58 12.22 -22.55
CA THR A 423 -1.51 11.13 -22.23
C THR A 423 -0.99 9.77 -22.69
N ASP A 424 0.21 9.76 -23.26
CA ASP A 424 0.89 8.55 -23.71
C ASP A 424 1.31 7.69 -22.51
N ARG A 425 1.14 6.37 -22.62
CA ARG A 425 1.42 5.46 -21.51
C ARG A 425 2.73 4.67 -21.69
N ARG A 426 3.62 5.18 -22.53
CA ARG A 426 4.90 4.52 -22.82
C ARG A 426 6.09 5.41 -22.43
N MET A 427 5.86 6.32 -21.49
CA MET A 427 6.88 7.29 -21.07
C MET A 427 7.76 6.68 -19.98
N LEU A 428 8.57 5.71 -20.38
CA LEU A 428 9.41 4.96 -19.45
C LEU A 428 10.88 5.05 -19.83
N MET A 429 11.72 4.93 -18.81
CA MET A 429 13.15 4.93 -18.99
C MET A 429 13.71 3.77 -18.18
N THR A 430 14.51 2.92 -18.84
CA THR A 430 15.07 1.75 -18.19
C THR A 430 16.60 1.70 -18.25
N ALA A 431 17.19 1.18 -17.17
CA ALA A 431 18.64 1.01 -17.09
C ALA A 431 19.02 -0.48 -17.22
N TRP A 432 18.00 -1.34 -17.14
CA TRP A 432 18.21 -2.77 -17.22
C TRP A 432 18.37 -3.21 -18.68
N ASN A 433 19.59 -3.63 -19.01
CA ASN A 433 19.92 -4.17 -20.33
C ASN A 433 20.65 -5.51 -20.16
N PRO A 434 19.89 -6.63 -20.18
CA PRO A 434 20.45 -7.96 -19.95
C PRO A 434 21.64 -8.34 -20.83
N ALA A 435 21.74 -7.73 -22.01
CA ALA A 435 22.88 -7.96 -22.91
C ALA A 435 24.17 -7.34 -22.39
N ALA A 436 24.05 -6.25 -21.63
CA ALA A 436 25.21 -5.49 -21.16
C ALA A 436 25.50 -5.62 -19.65
N LEU A 437 24.70 -6.42 -18.95
CA LEU A 437 24.83 -6.58 -17.49
C LEU A 437 26.22 -7.03 -17.03
N ASP A 438 26.78 -8.02 -17.71
CA ASP A 438 28.09 -8.58 -17.36
C ASP A 438 29.24 -7.59 -17.54
N GLU A 439 29.06 -6.62 -18.45
CA GLU A 439 30.06 -5.59 -18.73
C GLU A 439 30.02 -4.47 -17.68
N MET A 440 28.91 -4.39 -16.94
CA MET A 440 28.77 -3.39 -15.88
C MET A 440 29.51 -3.83 -14.64
N ALA A 441 29.97 -2.84 -13.86
CA ALA A 441 30.61 -3.11 -12.58
C ALA A 441 29.58 -3.53 -11.55
N LEU A 442 28.35 -3.04 -11.71
CA LEU A 442 27.25 -3.39 -10.83
C LEU A 442 25.92 -3.22 -11.56
N PRO A 443 25.11 -4.30 -11.64
CA PRO A 443 23.78 -4.23 -12.23
C PRO A 443 22.91 -3.19 -11.53
N PRO A 444 22.20 -2.35 -12.30
CA PRO A 444 21.44 -1.22 -11.76
C PRO A 444 20.42 -1.62 -10.70
N CYS A 445 20.41 -0.91 -9.57
CA CYS A 445 19.44 -1.13 -8.52
C CYS A 445 18.12 -0.45 -8.87
N HIS A 446 18.17 0.86 -9.09
CA HIS A 446 17.04 1.58 -9.64
C HIS A 446 17.10 1.48 -11.16
N LEU A 447 16.26 0.60 -11.71
CA LEU A 447 16.39 0.17 -13.11
C LEU A 447 15.28 0.62 -14.06
N LEU A 448 14.22 1.21 -13.52
CA LEU A 448 13.12 1.67 -14.34
C LEU A 448 12.30 2.80 -13.70
N CYS A 449 11.99 3.83 -14.48
CA CYS A 449 11.10 4.90 -14.04
C CYS A 449 10.08 5.28 -15.12
N GLN A 450 8.85 5.54 -14.67
CA GLN A 450 7.74 5.89 -15.55
C GLN A 450 7.13 7.24 -15.15
N PHE A 451 6.76 8.04 -16.15
CA PHE A 451 6.16 9.35 -15.91
C PHE A 451 4.69 9.40 -16.30
N TYR A 452 3.97 10.34 -15.71
CA TYR A 452 2.53 10.44 -15.87
C TYR A 452 2.11 11.87 -15.66
N VAL A 453 1.23 12.34 -16.53
CA VAL A 453 0.71 13.70 -16.44
C VAL A 453 -0.80 13.63 -16.43
N ASN A 454 -1.43 14.49 -15.66
CA ASN A 454 -2.87 14.44 -15.50
C ASN A 454 -3.59 15.68 -16.03
N ASP A 455 -4.80 15.89 -15.50
CA ASP A 455 -5.64 17.01 -15.88
C ASP A 455 -4.96 18.36 -15.72
N GLN A 456 -4.40 18.57 -14.54
CA GLN A 456 -3.90 19.88 -14.14
C GLN A 456 -2.41 20.06 -14.46
N LYS A 457 -1.95 19.43 -15.54
CA LYS A 457 -0.55 19.50 -15.97
C LYS A 457 0.46 19.18 -14.85
N GLU A 458 0.10 18.20 -14.00
CA GLU A 458 0.93 17.79 -12.88
C GLU A 458 1.65 16.49 -13.19
N LEU A 459 2.94 16.44 -12.87
CA LEU A 459 3.78 15.31 -13.20
C LEU A 459 4.01 14.38 -12.00
N SER A 460 3.76 13.09 -12.22
CA SER A 460 4.06 12.05 -11.24
C SER A 460 5.09 11.08 -11.81
N CYS A 461 5.87 10.47 -10.92
CA CYS A 461 6.94 9.57 -11.35
C CYS A 461 7.05 8.35 -10.45
N ILE A 462 7.04 7.18 -11.09
CA ILE A 462 7.27 5.91 -10.41
C ILE A 462 8.67 5.41 -10.72
N MET A 463 9.37 4.93 -9.71
CA MET A 463 10.68 4.31 -9.89
C MET A 463 10.71 2.94 -9.26
N TYR A 464 11.05 1.93 -10.06
CA TYR A 464 11.19 0.57 -9.56
C TYR A 464 12.63 0.27 -9.22
N GLN A 465 12.85 -0.25 -8.02
CA GLN A 465 14.18 -0.57 -7.54
C GLN A 465 14.23 -2.04 -7.11
N ARG A 466 15.03 -2.82 -7.85
CA ARG A 466 15.13 -4.28 -7.63
C ARG A 466 15.72 -4.64 -6.27
N SER A 467 16.65 -3.81 -5.79
CA SER A 467 17.33 -4.05 -4.53
C SER A 467 17.51 -2.74 -3.78
N CYS A 468 17.10 -2.72 -2.52
CA CYS A 468 17.07 -1.49 -1.74
C CYS A 468 17.77 -1.63 -0.40
N ASP A 469 18.94 -1.01 -0.29
CA ASP A 469 19.59 -0.87 1.02
C ASP A 469 18.85 0.20 1.80
N VAL A 470 17.94 -0.23 2.69
CA VAL A 470 17.03 0.66 3.39
C VAL A 470 17.73 1.67 4.29
N GLY A 471 18.80 1.22 4.95
CA GLY A 471 19.58 2.08 5.83
C GLY A 471 20.34 3.17 5.10
N LEU A 472 21.05 2.78 4.04
CA LEU A 472 21.99 3.68 3.37
C LEU A 472 21.46 4.26 2.05
N GLY A 473 20.98 3.40 1.18
CA GLY A 473 20.61 3.79 -0.19
C GLY A 473 19.24 4.40 -0.39
N VAL A 474 18.24 3.90 0.33
CA VAL A 474 16.85 4.33 0.14
C VAL A 474 16.63 5.85 0.28
N PRO A 475 17.08 6.46 1.39
CA PRO A 475 16.89 7.91 1.52
C PRO A 475 17.52 8.69 0.36
N PHE A 476 18.68 8.24 -0.08
CA PHE A 476 19.40 8.82 -1.19
C PHE A 476 18.62 8.69 -2.49
N ASN A 477 18.04 7.50 -2.71
CA ASN A 477 17.25 7.21 -3.92
C ASN A 477 15.93 7.97 -4.00
N ILE A 478 15.29 8.16 -2.84
CA ILE A 478 14.06 8.96 -2.75
C ILE A 478 14.34 10.39 -3.22
N ALA A 479 15.43 10.97 -2.73
CA ALA A 479 15.84 12.32 -3.10
C ALA A 479 16.30 12.39 -4.56
N SER A 480 16.92 11.32 -5.03
CA SER A 480 17.53 11.26 -6.37
C SER A 480 16.51 11.31 -7.50
N TYR A 481 15.40 10.59 -7.34
CA TYR A 481 14.35 10.58 -8.35
C TYR A 481 13.32 11.69 -8.18
N SER A 482 13.13 12.13 -6.94
CA SER A 482 12.29 13.29 -6.65
C SER A 482 12.89 14.55 -7.24
N LEU A 483 14.22 14.61 -7.28
CA LEU A 483 14.92 15.72 -7.89
C LEU A 483 14.80 15.66 -9.41
N LEU A 484 14.85 14.45 -9.96
CA LEU A 484 14.67 14.25 -11.40
C LEU A 484 13.27 14.70 -11.84
N THR A 485 12.27 14.35 -11.03
CA THR A 485 10.89 14.75 -11.27
C THR A 485 10.75 16.27 -11.29
N LEU A 486 11.46 16.95 -10.40
CA LEU A 486 11.49 18.42 -10.40
C LEU A 486 12.10 18.92 -11.71
N MET A 487 13.27 18.38 -12.05
CA MET A 487 14.02 18.80 -13.23
C MET A 487 13.24 18.62 -14.53
N VAL A 488 12.63 17.45 -14.69
CA VAL A 488 11.80 17.16 -15.86
C VAL A 488 10.56 18.07 -15.89
N ALA A 489 9.89 18.20 -14.74
CA ALA A 489 8.68 19.01 -14.63
C ALA A 489 8.89 20.42 -15.15
N HIS A 490 10.01 21.03 -14.75
CA HIS A 490 10.37 22.39 -15.18
C HIS A 490 10.62 22.46 -16.69
N VAL A 491 11.37 21.50 -17.22
CA VAL A 491 11.76 21.45 -18.63
C VAL A 491 10.57 21.11 -19.54
N CYS A 492 9.53 20.51 -18.97
CA CYS A 492 8.32 20.20 -19.72
C CYS A 492 7.15 21.12 -19.38
N ASN A 493 7.44 22.20 -18.64
CA ASN A 493 6.41 23.16 -18.20
C ASN A 493 5.30 22.56 -17.35
N LEU A 494 5.65 21.64 -16.47
CA LEU A 494 4.68 20.91 -15.67
C LEU A 494 4.91 21.13 -14.17
N LYS A 495 3.83 21.03 -13.39
CA LYS A 495 3.92 21.11 -11.94
C LYS A 495 4.30 19.75 -11.35
N PRO A 496 5.35 19.70 -10.50
CA PRO A 496 5.70 18.43 -9.85
C PRO A 496 4.65 18.04 -8.81
N LYS A 497 4.23 16.78 -8.84
CA LYS A 497 3.15 16.30 -7.97
C LYS A 497 3.58 15.23 -6.98
N GLU A 498 4.07 14.10 -7.49
CA GLU A 498 4.31 12.93 -6.65
C GLU A 498 5.43 12.01 -7.14
N PHE A 499 6.23 11.52 -6.20
CA PHE A 499 7.20 10.46 -6.47
C PHE A 499 6.79 9.17 -5.77
N ILE A 500 6.57 8.14 -6.58
CA ILE A 500 6.12 6.83 -6.08
C ILE A 500 7.27 5.83 -6.18
N HIS A 501 7.65 5.28 -5.04
CA HIS A 501 8.76 4.35 -4.94
C HIS A 501 8.27 2.89 -4.88
N PHE A 502 8.60 2.12 -5.91
CA PHE A 502 8.34 0.68 -5.90
C PHE A 502 9.63 -0.10 -5.63
N MET A 503 9.58 -0.98 -4.64
CA MET A 503 10.78 -1.66 -4.15
C MET A 503 10.65 -3.18 -4.22
N GLY A 504 11.68 -3.82 -4.75
CA GLY A 504 11.74 -5.27 -4.85
C GLY A 504 12.29 -5.91 -3.59
N ASN A 505 13.53 -6.34 -3.65
CA ASN A 505 14.23 -6.88 -2.48
C ASN A 505 14.57 -5.75 -1.52
N THR A 506 13.68 -5.53 -0.55
CA THR A 506 13.84 -4.43 0.41
C THR A 506 14.44 -4.97 1.70
N HIS A 507 15.65 -4.51 2.02
CA HIS A 507 16.45 -5.11 3.10
C HIS A 507 17.23 -4.13 3.96
N VAL A 508 17.45 -4.50 5.22
CA VAL A 508 18.38 -3.79 6.10
C VAL A 508 19.58 -4.69 6.42
N TYR A 509 20.79 -4.15 6.28
CA TYR A 509 22.00 -4.91 6.62
C TYR A 509 22.10 -5.10 8.13
N THR A 510 22.64 -6.25 8.54
CA THR A 510 22.71 -6.63 9.96
C THR A 510 23.65 -5.75 10.78
N ASN A 511 24.57 -5.08 10.10
CA ASN A 511 25.47 -4.12 10.74
C ASN A 511 24.92 -2.68 10.72
N HIS A 512 23.65 -2.54 10.33
CA HIS A 512 22.95 -1.27 10.39
C HIS A 512 21.86 -1.28 11.47
N VAL A 513 21.46 -2.47 11.91
CA VAL A 513 20.31 -2.67 12.80
C VAL A 513 20.32 -1.78 14.05
N GLU A 514 21.49 -1.68 14.69
N GLU A 514 21.49 -1.69 14.69
CA GLU A 514 21.66 -0.89 15.91
CA GLU A 514 21.66 -0.89 15.91
C GLU A 514 21.54 0.61 15.62
C GLU A 514 21.52 0.60 15.61
N ALA A 515 22.14 1.05 14.53
CA ALA A 515 22.12 2.44 14.11
C ALA A 515 20.74 2.89 13.61
N LEU A 516 19.96 1.92 13.13
CA LEU A 516 18.60 2.20 12.66
C LEU A 516 17.63 2.31 13.83
N LYS A 517 17.82 1.48 14.86
CA LYS A 517 17.00 1.55 16.07
C LYS A 517 17.14 2.91 16.76
N GLU A 518 18.36 3.45 16.73
CA GLU A 518 18.65 4.81 17.20
C GLU A 518 17.88 5.85 16.39
N GLN A 519 17.86 5.65 15.07
CA GLN A 519 17.21 6.58 14.13
C GLN A 519 15.70 6.63 14.35
N LEU A 520 15.12 5.51 14.77
CA LEU A 520 13.67 5.39 14.96
C LEU A 520 13.18 6.10 16.21
N ARG A 521 14.10 6.46 17.11
CA ARG A 521 13.77 7.24 18.30
C ARG A 521 13.57 8.71 17.96
N ARG A 522 14.05 9.11 16.79
CA ARG A 522 13.99 10.49 16.33
C ARG A 522 12.68 10.74 15.59
N GLU A 523 11.94 11.77 16.01
CA GLU A 523 10.77 12.22 15.27
C GLU A 523 11.23 13.16 14.14
N PRO A 524 10.60 13.05 12.96
CA PRO A 524 11.05 13.82 11.80
C PRO A 524 10.76 15.32 11.89
N ARG A 525 11.54 16.10 11.15
CA ARG A 525 11.37 17.55 11.04
C ARG A 525 10.66 17.87 9.73
N PRO A 526 10.08 19.09 9.59
CA PRO A 526 9.46 19.45 8.32
C PRO A 526 10.41 19.25 7.14
N PHE A 527 9.84 18.89 5.99
CA PHE A 527 10.64 18.72 4.78
C PHE A 527 11.09 20.07 4.25
N PRO A 528 12.28 20.11 3.61
CA PRO A 528 12.74 21.36 3.02
C PRO A 528 12.05 21.63 1.67
N ILE A 529 12.25 22.84 1.14
CA ILE A 529 11.89 23.12 -0.25
C ILE A 529 13.17 23.13 -1.08
N VAL A 530 13.12 22.50 -2.25
CA VAL A 530 14.20 22.59 -3.22
C VAL A 530 13.80 23.53 -4.34
N ASN A 531 14.54 24.62 -4.50
CA ASN A 531 14.28 25.60 -5.53
C ASN A 531 15.24 25.46 -6.69
N ILE A 532 14.71 25.49 -7.90
CA ILE A 532 15.53 25.58 -9.09
C ILE A 532 15.84 27.05 -9.35
N LEU A 533 17.13 27.39 -9.35
CA LEU A 533 17.56 28.75 -9.62
C LEU A 533 17.84 28.92 -11.11
N ASN A 534 17.76 30.17 -11.57
CA ASN A 534 18.04 30.53 -12.97
C ASN A 534 17.13 29.82 -13.97
N LYS A 535 15.84 29.83 -13.66
CA LYS A 535 14.83 29.11 -14.44
C LYS A 535 14.82 29.52 -15.92
N GLU A 536 14.96 30.82 -16.17
CA GLU A 536 14.93 31.39 -17.52
C GLU A 536 16.03 30.83 -18.41
N ARG A 537 17.18 30.53 -17.82
CA ARG A 537 18.34 30.00 -18.54
C ARG A 537 18.15 28.53 -18.91
N ILE A 538 17.48 27.78 -18.05
CA ILE A 538 17.36 26.32 -18.20
C ILE A 538 16.11 25.93 -18.99
N LYS A 539 16.32 25.38 -20.18
CA LYS A 539 15.24 25.03 -21.09
C LYS A 539 15.26 23.55 -21.46
N GLU A 540 16.45 22.96 -21.49
CA GLU A 540 16.61 21.53 -21.73
C GLU A 540 17.18 20.83 -20.49
N ILE A 541 17.03 19.51 -20.45
CA ILE A 541 17.48 18.72 -19.29
C ILE A 541 19.00 18.79 -19.08
N ASP A 542 19.73 19.02 -20.17
CA ASP A 542 21.19 19.10 -20.13
C ASP A 542 21.69 20.47 -19.65
N ASP A 543 20.78 21.45 -19.60
CA ASP A 543 21.12 22.82 -19.19
C ASP A 543 21.42 22.98 -17.71
N PHE A 544 20.89 22.08 -16.89
CA PHE A 544 21.09 22.12 -15.44
C PHE A 544 22.56 21.98 -15.05
N THR A 545 22.96 22.72 -14.02
CA THR A 545 24.29 22.60 -13.44
C THR A 545 24.17 22.44 -11.92
N ALA A 546 25.29 22.14 -11.26
CA ALA A 546 25.32 21.96 -9.82
C ALA A 546 24.88 23.21 -9.04
N GLU A 547 24.99 24.38 -9.68
CA GLU A 547 24.70 25.65 -9.02
C GLU A 547 23.26 26.11 -9.17
N ASP A 548 22.47 25.38 -9.95
CA ASP A 548 21.10 25.79 -10.27
C ASP A 548 20.07 25.31 -9.25
N PHE A 549 20.53 24.96 -8.06
CA PHE A 549 19.65 24.40 -7.03
C PHE A 549 19.90 25.02 -5.67
N GLU A 550 18.84 25.04 -4.85
CA GLU A 550 18.87 25.69 -3.55
C GLU A 550 17.96 24.93 -2.57
N VAL A 551 18.59 24.31 -1.57
CA VAL A 551 17.84 23.62 -0.52
C VAL A 551 17.49 24.65 0.55
N VAL A 552 16.20 24.75 0.87
CA VAL A 552 15.71 25.78 1.77
C VAL A 552 14.96 25.18 2.96
N GLY A 553 15.42 25.49 4.16
CA GLY A 553 14.76 25.04 5.39
C GLY A 553 15.05 23.61 5.81
N TYR A 554 16.23 23.11 5.47
CA TYR A 554 16.63 21.75 5.84
C TYR A 554 17.26 21.74 7.23
N VAL A 555 16.56 21.10 8.17
CA VAL A 555 17.02 20.97 9.55
C VAL A 555 16.97 19.50 9.97
N PRO A 556 17.96 18.70 9.52
CA PRO A 556 17.91 17.27 9.84
C PRO A 556 18.53 16.95 11.20
N HIS A 557 18.34 15.71 11.65
CA HIS A 557 19.06 15.21 12.82
C HIS A 557 20.49 14.86 12.43
N GLY A 558 21.32 14.57 13.44
CA GLY A 558 22.73 14.25 13.22
C GLY A 558 22.96 13.06 12.30
N ARG A 559 24.08 13.10 11.58
CA ARG A 559 24.51 12.00 10.71
C ARG A 559 24.72 10.73 11.52
N ILE A 560 24.34 9.59 10.94
CA ILE A 560 24.60 8.29 11.55
C ILE A 560 25.51 7.48 10.64
N GLN A 561 26.60 6.99 11.20
CA GLN A 561 27.57 6.18 10.45
C GLN A 561 27.03 4.80 10.09
N MET A 562 26.97 4.54 8.79
CA MET A 562 26.56 3.26 8.25
C MET A 562 27.51 2.83 7.14
N GLU A 563 28.22 1.73 7.38
CA GLU A 563 29.19 1.20 6.43
C GLU A 563 28.52 0.60 5.20
N MET A 564 29.06 0.93 4.03
CA MET A 564 28.60 0.39 2.75
C MET A 564 29.10 -1.04 2.59
N ALA A 565 28.18 -1.98 2.38
CA ALA A 565 28.55 -3.37 2.13
C ALA A 565 29.12 -3.51 0.72
N VAL A 566 30.43 -3.76 0.66
CA VAL A 566 31.16 -3.80 -0.61
C VAL A 566 30.81 -5.01 -1.47
N PRO B 4 -32.89 -16.26 19.81
CA PRO B 4 -31.91 -15.87 18.79
C PRO B 4 -30.82 -16.92 18.59
N VAL B 5 -30.96 -17.70 17.52
CA VAL B 5 -30.03 -18.80 17.23
C VAL B 5 -29.17 -18.51 15.99
N CYS B 6 -28.06 -19.22 15.86
CA CYS B 6 -27.19 -19.15 14.69
C CYS B 6 -26.94 -20.53 14.08
N LEU B 7 -26.75 -20.55 12.77
CA LEU B 7 -26.48 -21.79 12.03
C LEU B 7 -25.03 -21.85 11.59
N VAL B 8 -24.39 -23.00 11.80
CA VAL B 8 -23.00 -23.19 11.40
C VAL B 8 -22.86 -24.40 10.49
N VAL B 9 -22.32 -24.17 9.30
CA VAL B 9 -22.32 -25.18 8.23
C VAL B 9 -21.09 -25.16 7.34
N ALA B 10 -20.69 -26.34 6.89
CA ALA B 10 -19.77 -26.51 5.78
C ALA B 10 -20.59 -27.04 4.60
N MET B 11 -20.36 -26.48 3.41
CA MET B 11 -21.32 -26.63 2.31
C MET B 11 -20.68 -26.53 0.92
N THR B 12 -21.06 -27.44 0.03
CA THR B 12 -20.62 -27.40 -1.37
C THR B 12 -21.38 -26.31 -2.13
N PRO B 13 -20.93 -25.97 -3.36
CA PRO B 13 -21.60 -24.94 -4.16
C PRO B 13 -23.04 -25.30 -4.51
N LYS B 14 -23.34 -26.60 -4.49
CA LYS B 14 -24.69 -27.11 -4.75
C LYS B 14 -25.40 -27.51 -3.45
N ARG B 15 -24.99 -26.85 -2.36
CA ARG B 15 -25.62 -26.99 -1.03
C ARG B 15 -25.46 -28.35 -0.35
N GLY B 16 -24.61 -29.22 -0.91
CA GLY B 16 -24.35 -30.54 -0.33
C GLY B 16 -23.60 -30.46 0.99
N ILE B 17 -24.03 -31.24 1.96
CA ILE B 17 -23.44 -31.22 3.31
C ILE B 17 -23.00 -32.59 3.84
N GLY B 18 -23.56 -33.67 3.30
CA GLY B 18 -23.27 -35.01 3.80
C GLY B 18 -23.55 -36.17 2.84
N ILE B 19 -22.84 -37.27 3.05
CA ILE B 19 -23.06 -38.52 2.32
C ILE B 19 -22.75 -39.73 3.21
N ASN B 20 -23.62 -40.74 3.14
CA ASN B 20 -23.52 -41.95 3.97
C ASN B 20 -23.33 -41.64 5.46
N ASN B 21 -24.14 -40.70 5.95
CA ASN B 21 -24.04 -40.20 7.32
C ASN B 21 -22.62 -39.76 7.71
N GLY B 22 -21.95 -39.10 6.77
CA GLY B 22 -20.58 -38.63 6.97
C GLY B 22 -20.28 -37.45 6.07
N LEU B 23 -19.12 -36.83 6.29
CA LEU B 23 -18.72 -35.68 5.52
C LEU B 23 -18.31 -36.07 4.10
N PRO B 24 -18.72 -35.28 3.09
CA PRO B 24 -18.49 -35.60 1.68
C PRO B 24 -17.04 -35.42 1.23
N TRP B 25 -16.30 -34.60 1.97
CA TRP B 25 -14.93 -34.22 1.62
C TRP B 25 -13.91 -34.79 2.61
N PRO B 26 -12.64 -34.90 2.18
CA PRO B 26 -11.57 -35.23 3.12
C PRO B 26 -11.49 -34.18 4.24
N HIS B 27 -10.80 -34.51 5.32
CA HIS B 27 -10.72 -33.65 6.49
C HIS B 27 -10.28 -32.22 6.12
N LEU B 28 -10.99 -31.24 6.67
CA LEU B 28 -10.63 -29.82 6.52
C LEU B 28 -10.27 -29.26 7.87
N THR B 29 -8.98 -29.28 8.18
CA THR B 29 -8.48 -28.91 9.50
C THR B 29 -8.84 -27.49 9.95
N THR B 30 -8.66 -26.53 9.06
CA THR B 30 -8.93 -25.12 9.39
C THR B 30 -10.41 -24.85 9.64
N ASP B 31 -11.28 -25.51 8.90
CA ASP B 31 -12.73 -25.39 9.08
C ASP B 31 -13.15 -25.93 10.44
N PHE B 32 -12.50 -27.01 10.87
CA PHE B 32 -12.77 -27.64 12.14
C PHE B 32 -12.33 -26.75 13.30
N LYS B 33 -11.17 -26.13 13.15
CA LYS B 33 -10.66 -25.16 14.11
C LYS B 33 -11.60 -23.95 14.21
N HIS B 34 -12.18 -23.58 13.06
CA HIS B 34 -13.18 -22.51 12.99
C HIS B 34 -14.47 -22.88 13.71
N PHE B 35 -14.95 -24.10 13.48
CA PHE B 35 -16.18 -24.58 14.10
C PHE B 35 -16.02 -24.61 15.62
N SER B 36 -14.94 -25.22 16.09
CA SER B 36 -14.63 -25.31 17.51
C SER B 36 -14.59 -23.94 18.16
N ARG B 37 -13.91 -23.00 17.52
CA ARG B 37 -13.71 -21.66 18.07
C ARG B 37 -15.00 -20.85 18.20
N VAL B 38 -15.82 -20.86 17.15
CA VAL B 38 -17.09 -20.11 17.13
C VAL B 38 -18.06 -20.65 18.19
N THR B 39 -18.14 -21.98 18.28
CA THR B 39 -19.11 -22.63 19.16
C THR B 39 -18.70 -22.65 20.64
N LYS B 40 -17.41 -22.50 20.91
CA LYS B 40 -16.91 -22.57 22.29
C LYS B 40 -16.79 -21.24 23.01
N THR B 41 -16.28 -20.22 22.31
CA THR B 41 -15.87 -18.95 22.92
C THR B 41 -17.00 -18.14 23.57
N THR B 42 -16.78 -17.78 24.83
CA THR B 42 -17.74 -17.06 25.67
C THR B 42 -16.97 -15.97 26.45
N PRO B 43 -17.60 -14.82 26.72
CA PRO B 43 -16.94 -13.80 27.56
C PRO B 43 -16.75 -14.23 29.01
N ALA B 46 -16.95 -16.86 31.49
CA ALA B 46 -17.01 -16.47 32.91
C ALA B 46 -17.92 -17.41 33.69
N SER B 47 -19.23 -17.30 33.46
CA SER B 47 -20.22 -18.15 34.13
C SER B 47 -21.03 -18.94 33.11
N ARG B 48 -20.90 -18.57 31.84
CA ARG B 48 -21.77 -19.09 30.78
C ARG B 48 -21.06 -20.00 29.76
N PHE B 49 -21.81 -20.98 29.28
CA PHE B 49 -21.37 -21.85 28.19
C PHE B 49 -22.37 -21.77 27.03
N ASN B 50 -21.94 -22.16 25.84
CA ASN B 50 -22.81 -22.15 24.65
C ASN B 50 -23.61 -23.44 24.49
N ALA B 51 -24.67 -23.35 23.68
CA ALA B 51 -25.54 -24.50 23.42
C ALA B 51 -25.49 -24.94 21.95
N VAL B 52 -25.06 -26.18 21.74
CA VAL B 52 -25.04 -26.79 20.41
C VAL B 52 -26.21 -27.76 20.23
N VAL B 53 -27.06 -27.47 19.24
CA VAL B 53 -28.23 -28.29 18.96
C VAL B 53 -27.99 -29.10 17.68
N MET B 54 -28.03 -30.42 17.81
CA MET B 54 -27.79 -31.33 16.67
C MET B 54 -28.89 -32.39 16.52
N GLY B 55 -29.02 -32.93 15.31
CA GLY B 55 -29.98 -34.00 15.03
C GLY B 55 -29.41 -35.35 15.44
N ARG B 56 -30.24 -36.39 15.36
CA ARG B 56 -29.80 -37.73 15.75
C ARG B 56 -28.69 -38.24 14.85
N LYS B 57 -28.92 -38.20 13.54
CA LYS B 57 -27.96 -38.69 12.55
C LYS B 57 -26.64 -37.91 12.61
N THR B 58 -26.75 -36.60 12.84
CA THR B 58 -25.57 -35.74 13.03
C THR B 58 -24.80 -36.12 14.30
N TRP B 59 -25.54 -36.44 15.36
CA TRP B 59 -24.96 -36.96 16.59
C TRP B 59 -24.20 -38.26 16.30
N GLU B 60 -24.85 -39.16 15.56
CA GLU B 60 -24.28 -40.47 15.24
C GLU B 60 -23.08 -40.41 14.29
N SER B 61 -23.09 -39.44 13.38
CA SER B 61 -22.00 -39.25 12.41
C SER B 61 -20.68 -38.89 13.11
N MET B 62 -20.79 -38.16 14.22
CA MET B 62 -19.64 -37.79 15.04
C MET B 62 -18.91 -39.02 15.55
N PRO B 63 -17.57 -39.00 15.49
CA PRO B 63 -16.79 -40.06 16.15
C PRO B 63 -17.02 -40.01 17.65
N ARG B 64 -17.02 -41.18 18.29
CA ARG B 64 -17.32 -41.29 19.73
C ARG B 64 -16.31 -40.60 20.64
N LYS B 65 -15.09 -40.41 20.13
CA LYS B 65 -14.02 -39.71 20.85
C LYS B 65 -14.40 -38.24 21.08
N PHE B 66 -14.87 -37.58 20.03
CA PHE B 66 -15.20 -36.16 20.04
C PHE B 66 -16.52 -35.83 20.73
N ARG B 67 -17.49 -36.76 20.67
CA ARG B 67 -18.79 -36.56 21.30
C ARG B 67 -18.78 -36.95 22.78
N PRO B 68 -19.35 -36.11 23.65
CA PRO B 68 -20.01 -34.84 23.33
C PRO B 68 -19.01 -33.70 23.15
N LEU B 69 -19.37 -32.72 22.34
CA LEU B 69 -18.54 -31.55 22.10
C LEU B 69 -18.22 -30.85 23.43
N VAL B 70 -16.96 -30.95 23.85
CA VAL B 70 -16.51 -30.44 25.15
C VAL B 70 -16.83 -28.95 25.35
N ASP B 71 -17.21 -28.62 26.59
CA ASP B 71 -17.50 -27.24 27.03
C ASP B 71 -18.76 -26.63 26.39
N ARG B 72 -19.64 -27.48 25.87
CA ARG B 72 -20.87 -27.04 25.23
C ARG B 72 -22.06 -27.91 25.63
N LEU B 73 -23.21 -27.28 25.84
CA LEU B 73 -24.44 -28.00 26.14
C LEU B 73 -24.96 -28.70 24.88
N ASN B 74 -24.80 -30.02 24.85
CA ASN B 74 -25.22 -30.81 23.71
C ASN B 74 -26.72 -31.12 23.76
N ILE B 75 -27.41 -30.84 22.67
CA ILE B 75 -28.83 -31.13 22.57
C ILE B 75 -29.11 -31.90 21.28
N VAL B 76 -29.69 -33.09 21.42
CA VAL B 76 -30.03 -33.94 20.28
C VAL B 76 -31.54 -33.94 20.08
N VAL B 77 -31.98 -33.54 18.88
CA VAL B 77 -33.38 -33.64 18.52
C VAL B 77 -33.64 -35.05 18.00
N SER B 78 -34.53 -35.77 18.69
CA SER B 78 -34.76 -37.19 18.42
C SER B 78 -36.12 -37.67 18.93
N SER B 79 -36.67 -38.68 18.24
CA SER B 79 -37.85 -39.39 18.69
C SER B 79 -37.49 -40.80 19.14
N SER B 80 -36.50 -41.41 18.47
CA SER B 80 -36.11 -42.79 18.74
C SER B 80 -35.02 -42.94 19.82
N LEU B 81 -34.04 -42.04 19.81
CA LEU B 81 -33.00 -42.03 20.84
C LEU B 81 -33.52 -41.45 22.16
N LYS B 82 -32.98 -41.97 23.27
CA LYS B 82 -33.36 -41.53 24.61
C LYS B 82 -32.14 -40.99 25.35
N GLU B 83 -32.40 -40.22 26.41
CA GLU B 83 -31.35 -39.58 27.21
C GLU B 83 -30.40 -40.60 27.87
N GLU B 84 -30.90 -41.80 28.10
CA GLU B 84 -30.10 -42.87 28.67
C GLU B 84 -29.25 -43.62 27.65
N ASP B 85 -29.73 -43.72 26.41
CA ASP B 85 -28.96 -44.31 25.32
C ASP B 85 -27.61 -43.60 25.16
N ILE B 86 -27.63 -42.28 25.31
CA ILE B 86 -26.44 -41.44 25.25
C ILE B 86 -25.65 -41.52 26.57
N ALA B 87 -26.37 -41.62 27.68
CA ALA B 87 -25.75 -41.75 29.00
C ALA B 87 -25.02 -43.08 29.16
N ALA B 88 -25.52 -44.12 28.48
CA ALA B 88 -24.92 -45.46 28.51
C ALA B 88 -23.89 -45.68 27.39
N GLU B 89 -23.82 -44.72 26.45
CA GLU B 89 -22.86 -44.77 25.36
C GLU B 89 -21.43 -44.53 25.85
N LYS B 90 -21.28 -43.55 26.74
CA LYS B 90 -20.00 -43.22 27.37
C LYS B 90 -20.27 -42.63 28.76
N PRO B 91 -19.37 -42.89 29.74
CA PRO B 91 -19.48 -42.24 31.03
C PRO B 91 -19.28 -40.73 30.96
N GLN B 92 -20.18 -39.98 31.62
CA GLN B 92 -20.14 -38.52 31.62
C GLN B 92 -18.95 -38.00 32.42
N ALA B 93 -18.14 -37.17 31.78
CA ALA B 93 -16.98 -36.56 32.42
C ALA B 93 -17.39 -35.44 33.36
N GLU B 94 -16.58 -35.23 34.40
CA GLU B 94 -16.85 -34.23 35.43
C GLU B 94 -16.67 -32.81 34.91
N GLY B 95 -17.61 -31.93 35.25
CA GLY B 95 -17.56 -30.52 34.87
C GLY B 95 -18.16 -30.23 33.51
N GLN B 96 -19.09 -31.08 33.07
CA GLN B 96 -19.75 -30.94 31.77
C GLN B 96 -21.25 -31.18 31.89
N GLN B 97 -22.03 -30.45 31.11
CA GLN B 97 -23.49 -30.60 31.11
C GLN B 97 -23.96 -31.80 30.32
N ARG B 98 -24.92 -32.53 30.88
CA ARG B 98 -25.43 -33.75 30.27
C ARG B 98 -26.26 -33.49 29.01
N VAL B 99 -26.15 -34.41 28.05
CA VAL B 99 -26.80 -34.28 26.75
C VAL B 99 -28.32 -34.44 26.90
N ARG B 100 -29.05 -33.40 26.51
CA ARG B 100 -30.51 -33.39 26.61
C ARG B 100 -31.16 -33.71 25.26
N VAL B 101 -32.17 -34.58 25.29
CA VAL B 101 -32.85 -35.01 24.06
C VAL B 101 -34.27 -34.43 24.03
N CYS B 102 -34.63 -33.82 22.90
CA CYS B 102 -35.95 -33.22 22.72
C CYS B 102 -36.61 -33.72 21.44
N ALA B 103 -37.94 -33.70 21.42
CA ALA B 103 -38.73 -34.22 20.29
C ALA B 103 -38.54 -33.39 19.01
N SER B 104 -38.62 -32.07 19.15
CA SER B 104 -38.47 -31.15 18.03
C SER B 104 -37.56 -29.97 18.37
N LEU B 105 -37.26 -29.15 17.36
CA LEU B 105 -36.45 -27.95 17.56
C LEU B 105 -37.16 -26.86 18.40
N PRO B 106 -38.47 -26.63 18.16
CA PRO B 106 -39.21 -25.73 19.06
C PRO B 106 -39.15 -26.20 20.52
N ALA B 107 -39.22 -27.51 20.73
CA ALA B 107 -39.08 -28.11 22.06
C ALA B 107 -37.67 -27.92 22.61
N ALA B 108 -36.67 -28.03 21.74
CA ALA B 108 -35.27 -27.81 22.11
C ALA B 108 -35.02 -26.38 22.58
N LEU B 109 -35.70 -25.43 21.93
CA LEU B 109 -35.61 -24.02 22.30
C LEU B 109 -36.38 -23.74 23.59
N SER B 110 -37.50 -24.45 23.76
CA SER B 110 -38.33 -24.34 24.96
C SER B 110 -37.54 -24.75 26.20
N LEU B 111 -36.75 -25.80 26.07
CA LEU B 111 -35.89 -26.31 27.14
C LEU B 111 -34.81 -25.31 27.54
N LEU B 112 -34.30 -24.56 26.55
CA LEU B 112 -33.31 -23.52 26.78
C LEU B 112 -33.90 -22.35 27.59
N GLU B 113 -35.15 -21.99 27.29
CA GLU B 113 -35.86 -20.95 28.02
C GLU B 113 -36.23 -21.39 29.44
N GLU B 114 -36.82 -22.58 29.54
CA GLU B 114 -37.30 -23.12 30.82
C GLU B 114 -36.18 -23.36 31.84
N GLU B 115 -35.17 -24.13 31.45
CA GLU B 115 -34.15 -24.62 32.37
C GLU B 115 -32.83 -23.87 32.33
N TYR B 116 -32.50 -23.29 31.18
CA TYR B 116 -31.15 -22.79 30.93
C TYR B 116 -31.01 -21.29 30.70
N LYS B 117 -32.05 -20.52 31.01
CA LYS B 117 -32.09 -19.08 30.65
C LYS B 117 -30.98 -18.23 31.29
N ASP B 118 -30.33 -18.75 32.32
CA ASP B 118 -29.22 -18.06 32.98
C ASP B 118 -27.86 -18.63 32.60
N SER B 119 -27.85 -19.82 32.02
CA SER B 119 -26.62 -20.59 31.82
C SER B 119 -25.94 -20.41 30.46
N VAL B 120 -26.74 -20.23 29.41
CA VAL B 120 -26.21 -20.20 28.04
C VAL B 120 -26.19 -18.81 27.42
N ASP B 121 -25.09 -18.49 26.73
CA ASP B 121 -24.97 -17.21 26.04
C ASP B 121 -25.54 -17.28 24.62
N GLN B 122 -25.00 -18.17 23.80
CA GLN B 122 -25.45 -18.32 22.41
C GLN B 122 -25.93 -19.74 22.11
N ILE B 123 -26.86 -19.84 21.17
CA ILE B 123 -27.35 -21.12 20.71
C ILE B 123 -26.88 -21.35 19.28
N PHE B 124 -26.41 -22.56 18.99
CA PHE B 124 -25.95 -22.94 17.66
C PHE B 124 -26.70 -24.18 17.18
N VAL B 125 -27.27 -24.09 15.97
CA VAL B 125 -27.81 -25.25 15.28
C VAL B 125 -26.69 -25.84 14.42
N VAL B 126 -26.33 -27.09 14.70
CA VAL B 126 -25.10 -27.69 14.17
C VAL B 126 -25.33 -28.75 13.10
N GLY B 127 -26.58 -29.17 12.92
CA GLY B 127 -26.93 -30.11 11.84
C GLY B 127 -27.84 -31.24 12.27
N GLY B 128 -28.45 -31.95 11.32
CA GLY B 128 -28.24 -31.73 9.89
C GLY B 128 -29.42 -31.08 9.20
N ALA B 129 -29.71 -31.53 7.97
CA ALA B 129 -30.74 -30.93 7.12
C ALA B 129 -32.10 -30.78 7.79
N GLY B 130 -32.38 -31.66 8.74
CA GLY B 130 -33.63 -31.62 9.51
C GLY B 130 -33.73 -30.40 10.41
N LEU B 131 -32.63 -30.07 11.07
CA LEU B 131 -32.60 -28.94 12.01
C LEU B 131 -32.41 -27.58 11.31
N TYR B 132 -31.59 -27.56 10.26
CA TYR B 132 -31.39 -26.35 9.46
C TYR B 132 -32.68 -25.87 8.81
N GLU B 133 -33.45 -26.81 8.26
CA GLU B 133 -34.72 -26.51 7.62
C GLU B 133 -35.75 -26.01 8.63
N ALA B 134 -35.78 -26.65 9.80
CA ALA B 134 -36.68 -26.25 10.88
C ALA B 134 -36.36 -24.86 11.40
N ALA B 135 -35.05 -24.58 11.56
CA ALA B 135 -34.58 -23.28 12.03
C ALA B 135 -34.87 -22.16 11.05
N LEU B 136 -34.82 -22.49 9.76
CA LEU B 136 -35.14 -21.54 8.69
C LEU B 136 -36.65 -21.32 8.56
N SER B 137 -37.41 -22.37 8.88
CA SER B 137 -38.87 -22.29 8.85
C SER B 137 -39.40 -21.38 9.95
N LEU B 138 -38.84 -21.52 11.15
CA LEU B 138 -39.26 -20.74 12.30
C LEU B 138 -38.69 -19.32 12.31
N GLY B 139 -37.71 -19.07 11.43
CA GLY B 139 -37.11 -17.75 11.27
C GLY B 139 -36.33 -17.28 12.50
N VAL B 140 -35.92 -18.23 13.33
CA VAL B 140 -35.19 -17.92 14.57
C VAL B 140 -33.69 -17.71 14.32
N ALA B 141 -33.27 -17.97 13.08
CA ALA B 141 -31.88 -17.80 12.66
C ALA B 141 -31.55 -16.34 12.35
N SER B 142 -30.70 -15.75 13.18
CA SER B 142 -30.26 -14.36 12.97
C SER B 142 -29.03 -14.31 12.06
N HIS B 143 -28.18 -15.32 12.16
CA HIS B 143 -26.94 -15.39 11.39
C HIS B 143 -26.65 -16.79 10.87
N LEU B 144 -25.98 -16.84 9.71
CA LEU B 144 -25.54 -18.10 9.13
C LEU B 144 -24.02 -18.10 8.94
N TYR B 145 -23.34 -18.97 9.68
CA TYR B 145 -21.92 -19.16 9.52
C TYR B 145 -21.69 -20.27 8.51
N ILE B 146 -21.36 -19.88 7.28
CA ILE B 146 -21.23 -20.83 6.19
C ILE B 146 -19.80 -20.98 5.67
N THR B 147 -19.26 -22.18 5.82
CA THR B 147 -18.02 -22.57 5.15
C THR B 147 -18.39 -23.00 3.73
N ARG B 148 -17.91 -22.23 2.76
CA ARG B 148 -18.16 -22.52 1.36
C ARG B 148 -17.05 -23.41 0.82
N VAL B 149 -17.35 -24.70 0.71
CA VAL B 149 -16.46 -25.63 0.02
C VAL B 149 -16.56 -25.33 -1.47
N ALA B 150 -15.44 -24.99 -2.08
CA ALA B 150 -15.41 -24.58 -3.49
C ALA B 150 -15.55 -25.75 -4.46
N ARG B 151 -15.12 -26.94 -4.02
CA ARG B 151 -15.24 -28.15 -4.82
C ARG B 151 -16.60 -28.80 -4.65
N GLU B 152 -17.05 -29.47 -5.71
CA GLU B 152 -18.27 -30.23 -5.65
C GLU B 152 -17.96 -31.68 -5.31
N PHE B 153 -18.67 -32.22 -4.32
CA PHE B 153 -18.51 -33.61 -3.90
C PHE B 153 -19.84 -34.35 -3.97
N PRO B 154 -19.80 -35.69 -4.16
CA PRO B 154 -21.00 -36.53 -4.08
C PRO B 154 -21.70 -36.36 -2.73
N CYS B 155 -22.99 -36.06 -2.77
CA CYS B 155 -23.77 -35.80 -1.56
C CYS B 155 -25.18 -36.37 -1.66
N ASP B 156 -25.74 -36.77 -0.52
CA ASP B 156 -27.13 -37.23 -0.45
C ASP B 156 -27.98 -36.42 0.53
N VAL B 157 -27.32 -35.57 1.31
CA VAL B 157 -27.98 -34.66 2.26
C VAL B 157 -27.59 -33.22 1.92
N PHE B 158 -28.59 -32.34 1.83
CA PHE B 158 -28.36 -30.96 1.38
C PHE B 158 -28.94 -29.92 2.34
N PHE B 159 -28.27 -28.78 2.40
CA PHE B 159 -28.78 -27.60 3.10
C PHE B 159 -29.88 -26.96 2.24
N PRO B 160 -31.03 -26.61 2.86
CA PRO B 160 -32.16 -26.06 2.11
C PRO B 160 -31.85 -24.73 1.43
N ALA B 161 -32.48 -24.50 0.27
CA ALA B 161 -32.32 -23.25 -0.45
C ALA B 161 -32.84 -22.07 0.38
N PHE B 162 -32.14 -20.93 0.29
CA PHE B 162 -32.52 -19.75 1.07
C PHE B 162 -32.30 -18.47 0.26
N PRO B 163 -33.19 -17.48 0.41
CA PRO B 163 -33.02 -16.19 -0.25
C PRO B 163 -31.68 -15.55 0.11
N GLY B 164 -30.77 -15.54 -0.86
CA GLY B 164 -29.41 -15.06 -0.65
C GLY B 164 -28.36 -16.15 -0.78
N ASP B 165 -28.76 -17.30 -1.30
CA ASP B 165 -27.83 -18.41 -1.56
C ASP B 165 -27.08 -18.21 -2.88
N ASP B 166 -27.07 -16.96 -3.36
CA ASP B 166 -26.27 -16.55 -4.51
C ASP B 166 -24.78 -16.49 -4.17
N ILE B 167 -24.45 -16.52 -2.88
CA ILE B 167 -23.05 -16.60 -2.43
C ILE B 167 -22.43 -17.97 -2.73
N LEU B 168 -23.26 -18.98 -2.94
CA LEU B 168 -22.80 -20.36 -3.18
C LEU B 168 -22.55 -20.66 -4.65
N SER B 169 -23.50 -20.25 -5.49
CA SER B 169 -23.41 -20.46 -6.93
C SER B 169 -24.32 -19.48 -7.69
N ASN B 170 -24.30 -19.59 -9.01
CA ASN B 170 -25.16 -18.77 -9.85
C ASN B 170 -26.57 -19.37 -9.95
N LYS B 171 -27.57 -18.49 -9.98
CA LYS B 171 -28.96 -18.91 -10.15
C LYS B 171 -29.42 -18.77 -11.59
N ALA B 181 -37.68 -11.34 3.86
CA ALA B 181 -36.53 -11.71 4.68
C ALA B 181 -35.44 -12.36 3.83
N THR B 182 -34.25 -11.78 3.87
CA THR B 182 -33.10 -12.31 3.11
C THR B 182 -31.82 -12.35 3.94
N TYR B 183 -30.90 -13.22 3.53
CA TYR B 183 -29.61 -13.35 4.19
C TYR B 183 -28.52 -12.71 3.34
N ARG B 184 -27.92 -11.64 3.87
CA ARG B 184 -26.85 -10.93 3.17
C ARG B 184 -25.51 -11.13 3.86
N PRO B 185 -24.45 -11.39 3.06
CA PRO B 185 -23.09 -11.54 3.60
C PRO B 185 -22.58 -10.28 4.27
N ILE B 186 -21.97 -10.45 5.44
CA ILE B 186 -21.44 -9.34 6.21
C ILE B 186 -19.95 -9.56 6.47
N PHE B 187 -19.49 -10.76 6.13
CA PHE B 187 -18.12 -11.22 6.39
C PHE B 187 -17.74 -12.17 5.26
N ILE B 188 -16.61 -11.91 4.61
CA ILE B 188 -16.05 -12.82 3.63
C ILE B 188 -14.53 -12.88 3.85
N SER B 189 -14.03 -14.09 4.10
CA SER B 189 -12.63 -14.32 4.44
C SER B 189 -11.78 -14.59 3.20
N LYS B 190 -10.46 -14.68 3.40
CA LYS B 190 -9.56 -15.13 2.35
C LYS B 190 -9.76 -16.63 2.15
N THR B 191 -9.25 -17.15 1.04
CA THR B 191 -9.43 -18.55 0.71
C THR B 191 -8.35 -19.44 1.32
N PHE B 192 -8.81 -20.44 2.07
CA PHE B 192 -7.95 -21.46 2.68
C PHE B 192 -8.09 -22.75 1.87
N SER B 193 -7.21 -23.71 2.12
CA SER B 193 -7.30 -25.02 1.48
C SER B 193 -6.61 -26.10 2.28
N ASP B 194 -7.28 -27.25 2.38
CA ASP B 194 -6.72 -28.43 3.02
C ASP B 194 -7.07 -29.67 2.21
N ASN B 195 -6.09 -30.56 2.05
CA ASN B 195 -6.24 -31.80 1.27
C ASN B 195 -6.64 -31.60 -0.20
N GLY B 196 -6.29 -30.45 -0.75
CA GLY B 196 -6.62 -30.12 -2.14
C GLY B 196 -8.06 -29.66 -2.31
N VAL B 197 -8.63 -29.12 -1.23
CA VAL B 197 -9.99 -28.61 -1.24
C VAL B 197 -10.02 -27.14 -0.83
N PRO B 198 -10.36 -26.25 -1.78
CA PRO B 198 -10.43 -24.83 -1.47
C PRO B 198 -11.74 -24.45 -0.77
N TYR B 199 -11.64 -23.53 0.19
CA TYR B 199 -12.81 -23.05 0.93
C TYR B 199 -12.56 -21.71 1.64
N ASP B 200 -13.65 -21.00 1.93
CA ASP B 200 -13.58 -19.79 2.75
C ASP B 200 -14.80 -19.66 3.65
N PHE B 201 -14.75 -18.71 4.58
CA PHE B 201 -15.76 -18.55 5.62
C PHE B 201 -16.57 -17.29 5.42
N VAL B 202 -17.89 -17.44 5.41
CA VAL B 202 -18.78 -16.29 5.36
C VAL B 202 -19.77 -16.27 6.52
N VAL B 203 -20.15 -15.08 6.93
CA VAL B 203 -21.23 -14.92 7.89
C VAL B 203 -22.31 -14.08 7.21
N LEU B 204 -23.53 -14.62 7.17
CA LEU B 204 -24.65 -13.91 6.58
C LEU B 204 -25.63 -13.46 7.68
N GLU B 205 -26.12 -12.23 7.54
CA GLU B 205 -27.07 -11.66 8.51
C GLU B 205 -28.48 -11.58 7.93
N LYS B 206 -29.46 -12.01 8.71
CA LYS B 206 -30.87 -11.87 8.35
C LYS B 206 -31.22 -10.39 8.35
N ARG B 207 -31.68 -9.88 7.20
CA ARG B 207 -31.81 -8.44 7.01
C ARG B 207 -33.22 -7.89 6.77
N ARG B 208 -33.98 -8.54 5.89
CA ARG B 208 -35.27 -8.02 5.40
C ARG B 208 -35.06 -6.73 4.61
N SER B 241 -9.16 14.36 26.95
CA SER B 241 -8.36 15.32 26.19
C SER B 241 -7.16 14.68 25.49
N SER B 242 -7.15 13.36 25.42
CA SER B 242 -6.09 12.60 24.76
C SER B 242 -6.02 12.90 23.25
N ALA B 243 -7.19 12.87 22.61
CA ALA B 243 -7.30 13.16 21.18
C ALA B 243 -8.24 14.34 20.91
N ALA B 244 -8.67 15.01 21.98
CA ALA B 244 -9.48 16.23 21.88
C ALA B 244 -8.62 17.43 21.51
N ALA B 245 -7.32 17.33 21.82
CA ALA B 245 -6.35 18.33 21.40
C ALA B 245 -6.02 18.17 19.92
N ILE B 246 -6.02 16.93 19.46
CA ILE B 246 -5.74 16.58 18.07
C ILE B 246 -6.92 16.88 17.15
N ALA B 247 -8.13 16.74 17.69
CA ALA B 247 -9.39 16.82 16.91
C ALA B 247 -9.64 18.11 16.10
N PRO B 248 -9.42 19.31 16.69
CA PRO B 248 -9.69 20.52 15.89
C PRO B 248 -8.69 20.72 14.75
N VAL B 249 -7.46 20.25 14.92
CA VAL B 249 -6.42 20.35 13.90
C VAL B 249 -6.78 19.45 12.72
N LEU B 250 -7.29 18.26 13.00
CA LEU B 250 -7.72 17.34 11.96
C LEU B 250 -8.93 17.88 11.22
N ALA B 251 -9.82 18.52 11.96
CA ALA B 251 -11.07 19.01 11.43
C ALA B 251 -10.86 20.03 10.31
N TRP B 252 -9.95 20.98 10.53
CA TRP B 252 -9.68 21.97 9.49
C TRP B 252 -8.98 21.35 8.30
N MET B 253 -8.12 20.36 8.56
CA MET B 253 -7.33 19.73 7.52
C MET B 253 -8.18 18.99 6.51
N ASP B 254 -9.08 18.14 7.01
CA ASP B 254 -9.89 17.31 6.13
C ASP B 254 -10.69 18.17 5.16
N GLU B 255 -11.40 19.15 5.70
CA GLU B 255 -11.95 20.29 4.94
C GLU B 255 -12.38 20.02 3.49
N GLU B 256 -13.13 18.93 3.32
CA GLU B 256 -13.75 18.53 2.04
C GLU B 256 -14.17 17.07 2.08
N LEU B 266 -18.24 7.49 -3.28
CA LEU B 266 -19.62 7.32 -3.72
C LEU B 266 -19.89 5.87 -4.13
N ILE B 267 -19.04 5.33 -5.00
CA ILE B 267 -19.20 3.98 -5.51
C ILE B 267 -18.39 3.00 -4.65
N ARG B 268 -19.10 2.06 -4.04
CA ARG B 268 -18.47 1.07 -3.18
C ARG B 268 -18.76 -0.35 -3.63
N ALA B 269 -17.78 -1.22 -3.37
CA ALA B 269 -17.88 -2.61 -3.73
C ALA B 269 -18.49 -3.37 -2.58
N VAL B 270 -19.66 -3.95 -2.81
CA VAL B 270 -20.28 -4.82 -1.83
C VAL B 270 -20.34 -4.09 -0.48
N PRO B 271 -21.06 -2.94 -0.43
CA PRO B 271 -20.93 -2.11 0.76
C PRO B 271 -21.27 -2.84 2.07
N HIS B 272 -22.25 -3.74 2.02
CA HIS B 272 -22.73 -4.46 3.22
C HIS B 272 -21.65 -5.29 3.91
N VAL B 273 -20.78 -5.89 3.10
CA VAL B 273 -19.67 -6.74 3.58
C VAL B 273 -18.65 -5.91 4.36
N HIS B 274 -18.68 -6.04 5.68
CA HIS B 274 -17.83 -5.23 6.56
C HIS B 274 -16.41 -5.78 6.71
N PHE B 275 -16.27 -7.06 7.05
CA PHE B 275 -14.96 -7.69 7.00
C PHE B 275 -14.67 -8.20 5.59
N ARG B 276 -13.63 -7.65 5.00
CA ARG B 276 -13.29 -7.91 3.62
C ARG B 276 -11.97 -8.65 3.52
N GLY B 277 -11.96 -9.88 4.04
CA GLY B 277 -10.77 -10.72 4.05
C GLY B 277 -10.37 -11.23 2.68
N HIS B 278 -11.37 -11.49 1.83
CA HIS B 278 -11.11 -12.01 0.48
C HIS B 278 -10.14 -11.09 -0.26
N GLU B 279 -9.13 -11.69 -0.87
CA GLU B 279 -8.08 -10.94 -1.56
C GLU B 279 -8.56 -10.26 -2.85
N GLU B 280 -9.70 -10.70 -3.36
CA GLU B 280 -10.30 -10.11 -4.55
C GLU B 280 -10.79 -8.70 -4.29
N PHE B 281 -11.09 -8.40 -3.03
CA PHE B 281 -11.52 -7.05 -2.65
C PHE B 281 -10.51 -5.99 -3.07
N GLN B 282 -9.23 -6.36 -3.08
CA GLN B 282 -8.18 -5.49 -3.62
C GLN B 282 -8.58 -4.96 -4.99
N TYR B 283 -8.84 -5.89 -5.91
CA TYR B 283 -9.24 -5.56 -7.27
C TYR B 283 -10.54 -4.75 -7.31
N LEU B 284 -11.52 -5.14 -6.48
CA LEU B 284 -12.82 -4.46 -6.44
C LEU B 284 -12.74 -3.04 -5.88
N ASP B 285 -11.97 -2.86 -4.80
CA ASP B 285 -11.73 -1.53 -4.25
C ASP B 285 -10.87 -0.69 -5.20
N LEU B 286 -10.02 -1.37 -5.97
CA LEU B 286 -9.18 -0.72 -6.97
C LEU B 286 -10.03 -0.17 -8.12
N ILE B 287 -11.08 -0.90 -8.50
CA ILE B 287 -12.05 -0.40 -9.49
C ILE B 287 -12.75 0.84 -8.92
N ALA B 288 -13.36 0.67 -7.75
CA ALA B 288 -14.09 1.72 -7.06
C ALA B 288 -13.24 2.98 -6.87
N ASP B 289 -11.97 2.76 -6.53
CA ASP B 289 -11.01 3.85 -6.30
C ASP B 289 -10.82 4.74 -7.54
N ILE B 290 -10.65 4.11 -8.70
CA ILE B 290 -10.41 4.86 -9.94
C ILE B 290 -11.69 5.57 -10.40
N ILE B 291 -12.84 4.93 -10.20
CA ILE B 291 -14.12 5.55 -10.55
C ILE B 291 -14.40 6.75 -9.64
N ASN B 292 -14.08 6.62 -8.35
CA ASN B 292 -14.30 7.71 -7.40
C ASN B 292 -13.25 8.81 -7.45
N ASN B 293 -11.99 8.45 -7.56
CA ASN B 293 -10.87 9.39 -7.39
C ASN B 293 -9.98 9.58 -8.62
N GLY B 294 -10.23 8.80 -9.67
CA GLY B 294 -9.44 8.89 -10.89
C GLY B 294 -9.72 10.14 -11.69
N ARG B 295 -8.98 10.33 -12.79
CA ARG B 295 -9.10 11.53 -13.62
C ARG B 295 -9.43 11.17 -15.06
N THR B 296 -10.43 11.86 -15.61
CA THR B 296 -10.87 11.64 -16.99
C THR B 296 -9.82 12.16 -17.96
N MET B 297 -9.30 11.26 -18.79
CA MET B 297 -8.20 11.56 -19.70
C MET B 297 -8.53 11.14 -21.13
N ASP B 298 -7.80 11.70 -22.09
CA ASP B 298 -7.81 11.23 -23.47
C ASP B 298 -6.86 10.05 -23.61
N ASP B 299 -6.83 9.44 -24.80
CA ASP B 299 -6.20 8.13 -24.96
C ASP B 299 -5.77 7.88 -26.40
N ARG B 300 -4.75 7.02 -26.56
CA ARG B 300 -4.31 6.52 -27.86
C ARG B 300 -5.45 5.82 -28.61
N THR B 301 -6.28 5.10 -27.88
CA THR B 301 -7.39 4.33 -28.46
C THR B 301 -8.52 5.21 -28.97
N GLY B 302 -8.57 6.45 -28.50
CA GLY B 302 -9.65 7.38 -28.87
C GLY B 302 -10.85 7.25 -27.94
N VAL B 303 -10.85 6.19 -27.14
CA VAL B 303 -11.87 5.97 -26.11
C VAL B 303 -11.44 6.70 -24.83
N GLY B 304 -12.41 7.31 -24.16
CA GLY B 304 -12.16 8.01 -22.89
C GLY B 304 -11.66 7.08 -21.81
N VAL B 305 -10.76 7.59 -20.97
CA VAL B 305 -10.14 6.82 -19.90
C VAL B 305 -10.24 7.57 -18.56
N ILE B 306 -10.56 6.83 -17.49
CA ILE B 306 -10.43 7.37 -16.13
C ILE B 306 -9.23 6.68 -15.48
N SER B 307 -8.24 7.46 -15.09
CA SER B 307 -6.94 6.90 -14.75
C SER B 307 -6.44 7.26 -13.35
N LYS B 308 -5.55 6.41 -12.85
CA LYS B 308 -4.81 6.66 -11.64
C LYS B 308 -3.40 6.16 -11.88
N PHE B 309 -2.45 6.57 -11.04
CA PHE B 309 -1.06 6.21 -11.23
C PHE B 309 -0.45 5.60 -9.99
N GLY B 310 0.30 4.51 -10.18
CA GLY B 310 0.99 3.86 -9.06
C GLY B 310 0.16 3.04 -8.09
N CYS B 311 -0.74 2.21 -8.61
CA CYS B 311 -1.54 1.33 -7.74
C CYS B 311 -0.90 -0.03 -7.56
N THR B 312 -1.41 -0.80 -6.61
CA THR B 312 -0.76 -2.05 -6.20
C THR B 312 -1.71 -3.09 -5.62
N MET B 313 -1.41 -4.36 -5.90
CA MET B 313 -2.13 -5.50 -5.34
C MET B 313 -1.17 -6.64 -5.08
N ARG B 314 -1.48 -7.47 -4.09
CA ARG B 314 -0.71 -8.69 -3.86
C ARG B 314 -1.59 -9.89 -3.47
N TYR B 315 -1.25 -11.05 -4.00
CA TYR B 315 -2.08 -12.24 -3.85
C TYR B 315 -1.26 -13.44 -3.38
N SER B 316 -1.83 -14.19 -2.42
CA SER B 316 -1.22 -15.39 -1.88
C SER B 316 -1.37 -16.55 -2.86
N LEU B 317 -0.35 -17.40 -2.93
CA LEU B 317 -0.35 -18.56 -3.81
C LEU B 317 -0.19 -19.86 -3.04
N ASP B 318 -0.08 -19.76 -1.72
CA ASP B 318 0.19 -20.91 -0.87
C ASP B 318 -1.05 -21.74 -0.59
N GLN B 319 -2.21 -21.09 -0.54
CA GLN B 319 -3.48 -21.77 -0.23
C GLN B 319 -4.32 -21.98 -1.48
N ALA B 320 -4.55 -20.90 -2.23
CA ALA B 320 -5.38 -20.93 -3.43
C ALA B 320 -4.76 -20.16 -4.59
N PHE B 321 -5.46 -20.12 -5.72
CA PHE B 321 -5.02 -19.40 -6.91
C PHE B 321 -5.92 -18.20 -7.18
N PRO B 322 -5.33 -17.00 -7.41
CA PRO B 322 -6.10 -15.78 -7.57
C PRO B 322 -6.77 -15.64 -8.94
N LEU B 323 -7.55 -16.64 -9.32
CA LEU B 323 -8.37 -16.55 -10.51
C LEU B 323 -9.68 -15.87 -10.11
N LEU B 324 -9.85 -14.62 -10.54
CA LEU B 324 -10.95 -13.77 -10.07
C LEU B 324 -12.32 -14.40 -10.26
N THR B 325 -13.13 -14.35 -9.21
CA THR B 325 -14.40 -15.06 -9.16
C THR B 325 -15.61 -14.19 -9.49
N THR B 326 -15.46 -12.88 -9.38
CA THR B 326 -16.57 -11.94 -9.59
C THR B 326 -17.02 -11.85 -11.07
N LYS B 327 -16.16 -12.31 -11.96
CA LYS B 327 -16.52 -12.58 -13.37
C LYS B 327 -15.64 -13.71 -13.89
N ARG B 328 -16.17 -14.52 -14.80
CA ARG B 328 -15.42 -15.63 -15.37
C ARG B 328 -14.18 -15.13 -16.11
N VAL B 329 -13.03 -15.68 -15.72
CA VAL B 329 -11.76 -15.38 -16.38
C VAL B 329 -11.47 -16.45 -17.44
N PHE B 330 -11.08 -15.99 -18.63
CA PHE B 330 -10.74 -16.86 -19.74
C PHE B 330 -9.40 -17.55 -19.46
N TRP B 331 -9.45 -18.60 -18.64
CA TRP B 331 -8.24 -19.30 -18.20
C TRP B 331 -7.53 -20.04 -19.34
N LYS B 332 -8.30 -20.56 -20.28
CA LYS B 332 -7.76 -21.16 -21.50
C LYS B 332 -6.87 -20.16 -22.22
N GLY B 333 -7.22 -18.89 -22.12
CA GLY B 333 -6.47 -17.81 -22.74
C GLY B 333 -5.17 -17.47 -22.03
N VAL B 334 -5.21 -17.45 -20.70
CA VAL B 334 -4.01 -17.13 -19.90
C VAL B 334 -2.97 -18.24 -20.02
N LEU B 335 -3.43 -19.49 -20.03
CA LEU B 335 -2.56 -20.65 -20.11
C LEU B 335 -1.86 -20.74 -21.47
N GLU B 336 -2.62 -20.56 -22.53
CA GLU B 336 -2.10 -20.69 -23.88
C GLU B 336 -1.15 -19.54 -24.22
N GLU B 337 -1.44 -18.36 -23.68
CA GLU B 337 -0.61 -17.18 -23.93
C GLU B 337 0.73 -17.26 -23.20
N LEU B 338 0.70 -17.86 -22.01
CA LEU B 338 1.92 -18.01 -21.21
C LEU B 338 2.86 -19.05 -21.82
N LEU B 339 2.28 -20.18 -22.24
CA LEU B 339 3.02 -21.23 -22.93
C LEU B 339 3.60 -20.68 -24.23
N TRP B 340 2.81 -19.82 -24.87
CA TRP B 340 3.19 -19.10 -26.08
C TRP B 340 4.37 -18.17 -25.80
N PHE B 341 4.28 -17.44 -24.68
CA PHE B 341 5.36 -16.56 -24.24
C PHE B 341 6.65 -17.33 -24.01
N ILE B 342 6.55 -18.44 -23.27
CA ILE B 342 7.68 -19.25 -22.87
C ILE B 342 8.47 -19.81 -24.06
N ARG B 343 7.76 -20.17 -25.13
CA ARG B 343 8.38 -20.67 -26.35
C ARG B 343 9.13 -19.57 -27.11
N GLY B 344 8.84 -18.33 -26.75
CA GLY B 344 9.40 -17.18 -27.47
C GLY B 344 8.73 -17.00 -28.80
N ASP B 345 7.51 -17.54 -28.91
CA ASP B 345 6.72 -17.45 -30.12
C ASP B 345 6.16 -16.04 -30.28
N THR B 346 6.19 -15.55 -31.52
CA THR B 346 5.72 -14.20 -31.83
C THR B 346 4.59 -14.22 -32.88
N ASN B 347 4.18 -15.43 -33.24
CA ASN B 347 3.11 -15.65 -34.19
C ASN B 347 1.77 -15.76 -33.46
N ALA B 348 0.88 -14.79 -33.69
CA ALA B 348 -0.42 -14.75 -33.02
C ALA B 348 -1.40 -15.77 -33.60
N ASN B 349 -1.13 -16.24 -34.80
CA ASN B 349 -1.99 -17.23 -35.46
C ASN B 349 -1.97 -18.59 -34.77
N HIS B 350 -0.88 -18.85 -34.03
CA HIS B 350 -0.78 -20.06 -33.22
C HIS B 350 -1.74 -20.01 -32.04
N LEU B 351 -1.96 -18.81 -31.49
CA LEU B 351 -2.94 -18.60 -30.42
C LEU B 351 -4.35 -18.61 -31.00
N SER B 352 -4.51 -17.97 -32.15
CA SER B 352 -5.80 -17.80 -32.80
C SER B 352 -6.40 -19.13 -33.26
N GLU B 353 -5.55 -20.02 -33.79
CA GLU B 353 -5.98 -21.35 -34.22
C GLU B 353 -6.44 -22.23 -33.03
N LYS B 354 -5.98 -21.89 -31.84
CA LYS B 354 -6.35 -22.63 -30.62
C LYS B 354 -7.59 -22.06 -29.94
N GLY B 355 -8.17 -21.02 -30.55
CA GLY B 355 -9.38 -20.40 -30.03
C GLY B 355 -9.13 -19.21 -29.14
N VAL B 356 -7.86 -18.78 -29.07
CA VAL B 356 -7.47 -17.64 -28.25
C VAL B 356 -7.20 -16.46 -29.18
N LYS B 357 -8.19 -15.58 -29.30
CA LYS B 357 -8.14 -14.47 -30.25
C LYS B 357 -7.76 -13.14 -29.60
N ILE B 358 -6.98 -13.20 -28.53
CA ILE B 358 -6.67 -12.02 -27.73
C ILE B 358 -5.73 -11.02 -28.43
N TRP B 359 -4.90 -11.51 -29.34
CA TRP B 359 -3.93 -10.66 -30.02
C TRP B 359 -4.33 -10.25 -31.43
N ASP B 360 -5.38 -10.89 -31.95
CA ASP B 360 -5.82 -10.72 -33.34
C ASP B 360 -6.05 -9.27 -33.79
N LYS B 361 -6.74 -8.49 -32.96
CA LYS B 361 -7.08 -7.10 -33.29
C LYS B 361 -5.86 -6.17 -33.36
N ASN B 362 -4.74 -6.65 -32.83
CA ASN B 362 -3.49 -5.87 -32.80
C ASN B 362 -2.41 -6.42 -33.72
N VAL B 363 -2.78 -7.36 -34.58
CA VAL B 363 -1.88 -7.89 -35.60
C VAL B 363 -2.50 -7.90 -36.99
N THR B 364 -3.66 -7.24 -37.12
CA THR B 364 -4.34 -7.09 -38.40
C THR B 364 -3.52 -6.22 -39.35
N ARG B 365 -3.76 -6.38 -40.65
CA ARG B 365 -3.13 -5.56 -41.67
C ARG B 365 -3.27 -4.06 -41.40
N GLU B 366 -4.47 -3.65 -41.00
CA GLU B 366 -4.79 -2.25 -40.73
C GLU B 366 -4.05 -1.68 -39.52
N PHE B 367 -3.90 -2.49 -38.47
CA PHE B 367 -3.17 -2.04 -37.27
C PHE B 367 -1.66 -2.03 -37.48
N LEU B 368 -1.15 -3.03 -38.20
CA LEU B 368 0.28 -3.10 -38.53
C LEU B 368 0.72 -1.93 -39.40
N ASP B 369 -0.20 -1.43 -40.23
CA ASP B 369 0.07 -0.28 -41.08
C ASP B 369 -0.03 1.06 -40.34
N SER B 370 -0.94 1.13 -39.36
CA SER B 370 -1.03 2.30 -38.49
C SER B 370 0.19 2.38 -37.58
N ARG B 371 0.80 1.23 -37.35
CA ARG B 371 2.03 1.10 -36.57
C ARG B 371 3.27 1.27 -37.47
N ASN B 372 3.02 1.52 -38.75
CA ASN B 372 4.07 1.72 -39.77
C ASN B 372 5.00 0.51 -39.91
N LEU B 373 4.37 -0.66 -40.02
CA LEU B 373 5.08 -1.91 -40.26
C LEU B 373 4.39 -2.68 -41.39
N PRO B 374 4.49 -2.17 -42.63
CA PRO B 374 3.79 -2.79 -43.76
C PRO B 374 4.44 -4.08 -44.23
N HIS B 375 5.68 -4.34 -43.78
CA HIS B 375 6.40 -5.55 -44.13
C HIS B 375 6.06 -6.73 -43.23
N ARG B 376 5.37 -6.46 -42.13
CA ARG B 376 4.94 -7.50 -41.20
C ARG B 376 3.79 -8.32 -41.76
N GLU B 377 3.88 -9.64 -41.63
CA GLU B 377 2.78 -10.53 -41.99
C GLU B 377 1.70 -10.44 -40.92
N VAL B 378 0.45 -10.66 -41.32
CA VAL B 378 -0.68 -10.64 -40.39
C VAL B 378 -0.50 -11.72 -39.32
N GLY B 379 -0.44 -11.30 -38.06
CA GLY B 379 -0.20 -12.21 -36.94
C GLY B 379 1.07 -11.90 -36.19
N ASP B 380 2.08 -11.39 -36.90
CA ASP B 380 3.39 -11.12 -36.32
C ASP B 380 3.33 -9.96 -35.32
N ILE B 381 3.60 -10.26 -34.04
CA ILE B 381 3.66 -9.22 -33.01
C ILE B 381 5.05 -8.56 -32.96
N GLY B 382 5.94 -8.98 -33.87
CA GLY B 382 7.31 -8.50 -33.88
C GLY B 382 8.09 -9.08 -32.72
N PRO B 383 9.18 -8.41 -32.31
CA PRO B 383 9.95 -8.84 -31.14
C PRO B 383 9.20 -8.55 -29.83
N GLY B 384 8.07 -9.21 -29.65
CA GLY B 384 7.17 -8.95 -28.54
C GLY B 384 7.64 -9.56 -27.24
N TYR B 385 6.72 -9.75 -26.31
CA TYR B 385 7.05 -10.17 -24.94
C TYR B 385 7.94 -11.40 -24.92
N GLY B 386 7.48 -12.47 -25.57
CA GLY B 386 8.14 -13.77 -25.49
C GLY B 386 9.53 -13.77 -26.06
N PHE B 387 9.71 -13.04 -27.16
CA PHE B 387 10.98 -12.97 -27.85
C PHE B 387 12.06 -12.35 -26.97
N GLN B 388 11.69 -11.32 -26.22
CA GLN B 388 12.64 -10.63 -25.35
C GLN B 388 12.99 -11.47 -24.13
N TRP B 389 12.06 -12.32 -23.70
CA TRP B 389 12.27 -13.27 -22.61
C TRP B 389 13.34 -14.32 -22.93
N ARG B 390 13.33 -14.81 -24.16
CA ARG B 390 14.18 -15.94 -24.54
C ARG B 390 15.33 -15.54 -25.45
N HIS B 391 15.23 -14.37 -26.06
CA HIS B 391 16.25 -13.89 -27.00
C HIS B 391 16.36 -12.35 -26.94
N PHE B 392 16.71 -11.83 -25.76
CA PHE B 392 16.82 -10.38 -25.58
C PHE B 392 17.95 -9.78 -26.42
N GLY B 393 17.61 -8.75 -27.18
CA GLY B 393 18.60 -8.02 -27.98
C GLY B 393 18.98 -8.69 -29.28
N ALA B 394 18.35 -9.83 -29.57
CA ALA B 394 18.59 -10.55 -30.81
C ALA B 394 17.92 -9.83 -31.98
N ALA B 395 18.53 -9.90 -33.15
CA ALA B 395 18.02 -9.24 -34.35
C ALA B 395 16.81 -9.97 -34.91
N TYR B 396 15.66 -9.29 -34.91
CA TYR B 396 14.41 -9.90 -35.37
C TYR B 396 14.28 -9.86 -36.89
N LYS B 397 13.73 -10.93 -37.46
CA LYS B 397 13.42 -11.01 -38.88
C LYS B 397 11.90 -11.16 -39.06
N ASP B 398 11.39 -12.37 -38.86
CA ASP B 398 9.95 -12.63 -38.85
C ASP B 398 9.58 -13.73 -37.85
N MET B 399 8.28 -14.03 -37.76
CA MET B 399 7.76 -15.02 -36.81
C MET B 399 8.13 -16.46 -37.16
N HIS B 400 8.62 -16.67 -38.38
CA HIS B 400 8.95 -18.01 -38.87
C HIS B 400 10.42 -18.38 -38.65
N THR B 401 11.24 -17.38 -38.31
CA THR B 401 12.68 -17.56 -38.13
C THR B 401 13.02 -18.27 -36.82
N ASP B 402 13.96 -19.21 -36.89
CA ASP B 402 14.50 -19.86 -35.69
C ASP B 402 15.55 -18.95 -35.07
N TYR B 403 15.32 -18.58 -33.80
CA TYR B 403 16.20 -17.67 -33.08
C TYR B 403 17.03 -18.36 -32.00
N THR B 404 17.08 -19.69 -32.05
CA THR B 404 17.78 -20.47 -31.02
C THR B 404 19.23 -20.03 -30.83
N GLY B 405 19.61 -19.85 -29.56
CA GLY B 405 20.98 -19.45 -29.20
C GLY B 405 21.24 -17.96 -29.29
N GLN B 406 20.40 -17.25 -30.05
CA GLN B 406 20.54 -15.81 -30.22
C GLN B 406 19.97 -15.04 -29.04
N GLY B 407 20.60 -13.92 -28.73
CA GLY B 407 20.17 -13.06 -27.63
C GLY B 407 20.37 -13.68 -26.26
N VAL B 408 19.85 -13.00 -25.24
CA VAL B 408 19.97 -13.46 -23.86
C VAL B 408 18.68 -14.16 -23.42
N ASP B 409 18.83 -15.40 -22.96
CA ASP B 409 17.71 -16.20 -22.48
C ASP B 409 17.45 -15.87 -21.01
N GLN B 410 16.73 -14.77 -20.79
CA GLN B 410 16.44 -14.26 -19.44
C GLN B 410 15.78 -15.30 -18.53
N LEU B 411 14.81 -16.02 -19.09
CA LEU B 411 14.05 -17.01 -18.32
C LEU B 411 14.93 -18.14 -17.78
N LYS B 412 15.83 -18.63 -18.63
CA LYS B 412 16.77 -19.69 -18.25
C LYS B 412 17.74 -19.19 -17.17
N ASN B 413 18.21 -17.95 -17.32
CA ASN B 413 19.10 -17.32 -16.35
C ASN B 413 18.44 -17.09 -14.99
N VAL B 414 17.16 -16.73 -15.01
CA VAL B 414 16.39 -16.55 -13.78
C VAL B 414 16.24 -17.87 -13.02
N ILE B 415 15.96 -18.94 -13.75
CA ILE B 415 15.78 -20.26 -13.14
C ILE B 415 17.10 -20.81 -12.60
N GLN B 416 18.16 -20.74 -13.40
CA GLN B 416 19.47 -21.23 -12.97
C GLN B 416 19.99 -20.54 -11.72
N MET B 417 19.72 -19.23 -11.62
CA MET B 417 20.08 -18.44 -10.45
C MET B 417 19.25 -18.85 -9.23
N LEU B 418 17.97 -19.16 -9.45
CA LEU B 418 17.08 -19.63 -8.39
C LEU B 418 17.50 -20.97 -7.84
N ARG B 419 18.00 -21.84 -8.72
CA ARG B 419 18.37 -23.21 -8.35
C ARG B 419 19.77 -23.31 -7.75
N THR B 420 20.60 -22.30 -7.97
CA THR B 420 21.99 -22.32 -7.51
C THR B 420 22.31 -21.24 -6.46
N ASN B 421 21.76 -20.04 -6.63
CA ASN B 421 22.01 -18.93 -5.70
C ASN B 421 20.79 -18.04 -5.48
N PRO B 422 19.82 -18.50 -4.66
CA PRO B 422 18.52 -17.84 -4.52
C PRO B 422 18.52 -16.52 -3.75
N THR B 423 19.63 -16.18 -3.10
CA THR B 423 19.72 -14.92 -2.36
C THR B 423 20.17 -13.77 -3.26
N ASP B 424 20.53 -14.10 -4.50
CA ASP B 424 20.93 -13.13 -5.52
C ASP B 424 19.78 -12.15 -5.78
N ARG B 425 20.12 -10.87 -5.92
CA ARG B 425 19.10 -9.83 -6.07
C ARG B 425 18.94 -9.33 -7.50
N ARG B 426 19.49 -10.08 -8.46
CA ARG B 426 19.44 -9.72 -9.87
C ARG B 426 18.62 -10.73 -10.68
N MET B 427 17.63 -11.32 -10.03
CA MET B 427 16.76 -12.32 -10.68
C MET B 427 15.56 -11.62 -11.34
N LEU B 428 15.81 -11.07 -12.53
CA LEU B 428 14.83 -10.26 -13.25
C LEU B 428 14.66 -10.67 -14.70
N MET B 429 13.49 -10.37 -15.25
CA MET B 429 13.15 -10.69 -16.62
C MET B 429 12.35 -9.55 -17.25
N THR B 430 12.96 -8.86 -18.21
CA THR B 430 12.35 -7.69 -18.83
C THR B 430 11.97 -7.92 -20.28
N ALA B 431 10.82 -7.36 -20.68
CA ALA B 431 10.36 -7.40 -22.05
C ALA B 431 10.57 -6.05 -22.74
N TRP B 432 10.94 -5.04 -21.95
CA TRP B 432 11.15 -3.69 -22.46
C TRP B 432 12.51 -3.56 -23.13
N ASN B 433 12.50 -3.39 -24.45
CA ASN B 433 13.71 -3.16 -25.21
C ASN B 433 13.57 -1.92 -26.08
N PRO B 434 14.04 -0.76 -25.59
CA PRO B 434 13.97 0.53 -26.27
C PRO B 434 14.44 0.49 -27.73
N ALA B 435 15.38 -0.40 -28.03
CA ALA B 435 15.91 -0.54 -29.38
C ALA B 435 14.93 -1.25 -30.32
N ALA B 436 14.02 -2.04 -29.74
CA ALA B 436 13.11 -2.87 -30.54
C ALA B 436 11.64 -2.46 -30.46
N LEU B 437 11.34 -1.39 -29.73
CA LEU B 437 9.95 -0.95 -29.50
C LEU B 437 9.15 -0.61 -30.76
N ASP B 438 9.80 0.05 -31.71
CA ASP B 438 9.16 0.46 -32.96
C ASP B 438 8.87 -0.71 -33.90
N GLU B 439 9.53 -1.85 -33.66
CA GLU B 439 9.34 -3.05 -34.47
C GLU B 439 8.20 -3.91 -33.94
N MET B 440 7.80 -3.65 -32.70
CA MET B 440 6.71 -4.40 -32.06
C MET B 440 5.35 -3.89 -32.51
N ALA B 441 4.39 -4.80 -32.60
CA ALA B 441 3.01 -4.44 -32.90
C ALA B 441 2.43 -3.57 -31.77
N LEU B 442 2.84 -3.88 -30.54
CA LEU B 442 2.41 -3.12 -29.37
C LEU B 442 3.50 -3.22 -28.31
N PRO B 443 3.89 -2.08 -27.71
CA PRO B 443 4.87 -2.09 -26.61
C PRO B 443 4.35 -2.86 -25.39
N PRO B 444 5.22 -3.65 -24.74
CA PRO B 444 4.79 -4.52 -23.64
C PRO B 444 4.13 -3.75 -22.49
N CYS B 445 2.98 -4.24 -22.03
CA CYS B 445 2.31 -3.68 -20.85
C CYS B 445 2.98 -4.21 -19.60
N HIS B 446 2.85 -5.51 -19.37
CA HIS B 446 3.63 -6.20 -18.36
C HIS B 446 5.04 -6.35 -18.91
N LEU B 447 5.94 -5.50 -18.43
CA LEU B 447 7.27 -5.36 -19.03
C LEU B 447 8.41 -5.90 -18.17
N LEU B 448 8.14 -6.13 -16.89
CA LEU B 448 9.18 -6.59 -15.97
C LEU B 448 8.64 -7.44 -14.82
N CYS B 449 9.44 -8.43 -14.41
CA CYS B 449 9.14 -9.23 -13.24
C CYS B 449 10.41 -9.66 -12.51
N GLN B 450 10.33 -9.67 -11.17
CA GLN B 450 11.45 -10.04 -10.31
C GLN B 450 11.03 -11.16 -9.38
N PHE B 451 11.96 -12.08 -9.11
CA PHE B 451 11.71 -13.22 -8.22
C PHE B 451 12.52 -13.14 -6.93
N TYR B 452 12.00 -13.77 -5.87
CA TYR B 452 12.58 -13.66 -4.53
C TYR B 452 12.31 -14.90 -3.68
N VAL B 453 13.38 -15.45 -3.09
CA VAL B 453 13.28 -16.63 -2.23
C VAL B 453 13.63 -16.28 -0.78
N ASN B 454 12.79 -16.73 0.16
CA ASN B 454 12.99 -16.49 1.58
C ASN B 454 13.67 -17.66 2.32
N ASP B 455 13.54 -17.65 3.65
CA ASP B 455 14.08 -18.69 4.52
C ASP B 455 13.58 -20.09 4.19
N GLN B 456 12.26 -20.19 3.93
CA GLN B 456 11.56 -21.46 3.87
C GLN B 456 11.45 -22.04 2.46
N LYS B 457 12.34 -21.61 1.57
CA LYS B 457 12.28 -22.00 0.15
C LYS B 457 10.93 -21.66 -0.47
N GLU B 458 10.42 -20.48 -0.14
CA GLU B 458 9.17 -19.97 -0.67
C GLU B 458 9.45 -18.88 -1.70
N LEU B 459 8.81 -19.00 -2.86
CA LEU B 459 9.06 -18.12 -3.99
C LEU B 459 7.98 -17.05 -4.10
N SER B 460 8.42 -15.81 -4.32
CA SER B 460 7.52 -14.70 -4.56
C SER B 460 7.93 -13.95 -5.82
N CYS B 461 6.93 -13.38 -6.50
CA CYS B 461 7.15 -12.72 -7.78
C CYS B 461 6.51 -11.33 -7.83
N ILE B 462 7.31 -10.33 -8.17
CA ILE B 462 6.80 -9.01 -8.48
C ILE B 462 6.68 -8.87 -9.99
N MET B 463 5.63 -8.20 -10.45
CA MET B 463 5.49 -7.86 -11.87
C MET B 463 5.09 -6.40 -12.01
N TYR B 464 5.83 -5.66 -12.83
CA TYR B 464 5.51 -4.26 -13.09
C TYR B 464 4.80 -4.08 -14.43
N GLN B 465 3.71 -3.34 -14.38
CA GLN B 465 2.91 -3.05 -15.57
C GLN B 465 2.79 -1.54 -15.77
N ARG B 466 3.25 -1.06 -16.93
CA ARG B 466 3.18 0.36 -17.25
C ARG B 466 1.75 0.84 -17.50
N SER B 467 0.92 -0.03 -18.06
CA SER B 467 -0.41 0.34 -18.48
C SER B 467 -1.40 -0.77 -18.17
N CYS B 468 -2.44 -0.43 -17.42
CA CYS B 468 -3.39 -1.42 -16.93
C CYS B 468 -4.82 -1.13 -17.33
N ASP B 469 -5.37 -1.97 -18.22
CA ASP B 469 -6.79 -1.99 -18.46
C ASP B 469 -7.41 -2.80 -17.33
N VAL B 470 -8.00 -2.09 -16.38
CA VAL B 470 -8.51 -2.72 -15.16
C VAL B 470 -9.65 -3.70 -15.45
N GLY B 471 -10.61 -3.26 -16.27
CA GLY B 471 -11.79 -4.05 -16.59
C GLY B 471 -11.47 -5.35 -17.34
N LEU B 472 -10.53 -5.26 -18.27
CA LEU B 472 -10.23 -6.38 -19.17
C LEU B 472 -8.92 -7.07 -18.84
N GLY B 473 -7.82 -6.32 -18.91
CA GLY B 473 -6.47 -6.87 -18.83
C GLY B 473 -6.00 -7.36 -17.47
N VAL B 474 -6.33 -6.63 -16.42
CA VAL B 474 -5.81 -6.90 -15.09
C VAL B 474 -6.12 -8.30 -14.54
N PRO B 475 -7.40 -8.72 -14.53
CA PRO B 475 -7.68 -10.07 -14.03
C PRO B 475 -6.94 -11.16 -14.82
N PHE B 476 -6.76 -10.92 -16.11
CA PHE B 476 -5.97 -11.78 -16.99
C PHE B 476 -4.49 -11.75 -16.60
N ASN B 477 -3.96 -10.56 -16.33
CA ASN B 477 -2.55 -10.39 -15.96
C ASN B 477 -2.22 -10.96 -14.58
N ILE B 478 -3.14 -10.82 -13.62
CA ILE B 478 -2.97 -11.40 -12.29
C ILE B 478 -2.79 -12.91 -12.43
N ALA B 479 -3.74 -13.54 -13.11
CA ALA B 479 -3.73 -14.99 -13.30
C ALA B 479 -2.50 -15.49 -14.06
N SER B 480 -2.05 -14.70 -15.04
CA SER B 480 -0.94 -15.07 -15.90
C SER B 480 0.38 -15.21 -15.16
N TYR B 481 0.78 -14.15 -14.45
CA TYR B 481 2.04 -14.15 -13.70
C TYR B 481 1.99 -14.98 -12.42
N SER B 482 0.78 -15.19 -11.90
CA SER B 482 0.57 -16.10 -10.78
C SER B 482 0.83 -17.53 -11.23
N LEU B 483 0.38 -17.85 -12.44
CA LEU B 483 0.61 -19.15 -13.03
C LEU B 483 2.10 -19.36 -13.29
N LEU B 484 2.76 -18.34 -13.84
CA LEU B 484 4.20 -18.37 -14.08
C LEU B 484 4.96 -18.71 -12.81
N THR B 485 4.53 -18.10 -11.70
CA THR B 485 5.15 -18.33 -10.40
C THR B 485 5.07 -19.81 -10.02
N LEU B 486 3.88 -20.40 -10.14
CA LEU B 486 3.69 -21.83 -9.86
C LEU B 486 4.64 -22.70 -10.70
N MET B 487 4.71 -22.39 -11.99
CA MET B 487 5.55 -23.11 -12.94
C MET B 487 7.03 -22.99 -12.63
N VAL B 488 7.47 -21.78 -12.31
CA VAL B 488 8.85 -21.53 -11.88
C VAL B 488 9.11 -22.27 -10.56
N ALA B 489 8.19 -22.12 -9.61
CA ALA B 489 8.31 -22.71 -8.27
C ALA B 489 8.53 -24.21 -8.31
N HIS B 490 7.81 -24.88 -9.21
CA HIS B 490 7.92 -26.33 -9.35
C HIS B 490 9.26 -26.74 -9.94
N VAL B 491 9.65 -26.09 -11.03
CA VAL B 491 10.90 -26.36 -11.73
C VAL B 491 12.16 -26.12 -10.86
N CYS B 492 12.03 -25.19 -9.91
CA CYS B 492 13.13 -24.82 -9.03
C CYS B 492 13.07 -25.50 -7.67
N ASN B 493 12.06 -26.33 -7.46
CA ASN B 493 11.83 -27.01 -6.18
C ASN B 493 11.51 -26.04 -5.04
N LEU B 494 10.63 -25.10 -5.31
CA LEU B 494 10.24 -24.08 -4.34
C LEU B 494 8.73 -24.07 -4.11
N LYS B 495 8.33 -23.57 -2.95
CA LYS B 495 6.92 -23.35 -2.64
C LYS B 495 6.45 -22.00 -3.17
N PRO B 496 5.35 -21.99 -3.94
CA PRO B 496 4.78 -20.70 -4.35
C PRO B 496 4.18 -19.97 -3.16
N LYS B 497 4.57 -18.70 -2.98
CA LYS B 497 4.14 -17.93 -1.82
C LYS B 497 3.22 -16.78 -2.21
N GLU B 498 3.70 -15.89 -3.07
CA GLU B 498 3.04 -14.61 -3.30
C GLU B 498 3.30 -14.03 -4.67
N PHE B 499 2.25 -13.46 -5.26
CA PHE B 499 2.40 -12.63 -6.45
C PHE B 499 2.06 -11.17 -6.11
N ILE B 500 2.98 -10.27 -6.42
CA ILE B 500 2.83 -8.85 -6.13
C ILE B 500 2.72 -8.06 -7.43
N HIS B 501 1.63 -7.31 -7.56
CA HIS B 501 1.34 -6.58 -8.79
C HIS B 501 1.60 -5.08 -8.63
N PHE B 502 2.60 -4.58 -9.37
CA PHE B 502 2.89 -3.16 -9.42
C PHE B 502 2.37 -2.55 -10.70
N MET B 503 1.59 -1.48 -10.56
CA MET B 503 0.91 -0.88 -11.70
C MET B 503 1.29 0.59 -11.86
N GLY B 504 1.58 0.97 -13.10
CA GLY B 504 1.85 2.36 -13.45
C GLY B 504 0.53 3.07 -13.75
N ASN B 505 0.32 3.39 -15.02
CA ASN B 505 -0.93 4.00 -15.45
C ASN B 505 -2.08 2.99 -15.34
N THR B 506 -2.89 3.19 -14.31
CA THR B 506 -3.99 2.30 -13.98
C THR B 506 -5.30 2.95 -14.41
N HIS B 507 -6.01 2.33 -15.35
CA HIS B 507 -7.16 2.98 -15.98
C HIS B 507 -8.34 2.05 -16.28
N VAL B 508 -9.55 2.61 -16.15
CA VAL B 508 -10.76 1.96 -16.63
C VAL B 508 -11.33 2.77 -17.80
N TYR B 509 -11.66 2.07 -18.88
CA TYR B 509 -12.24 2.70 -20.07
C TYR B 509 -13.69 3.11 -19.83
N THR B 510 -14.07 4.26 -20.38
CA THR B 510 -15.42 4.81 -20.19
C THR B 510 -16.54 3.83 -20.57
N ASN B 511 -16.35 3.11 -21.67
CA ASN B 511 -17.31 2.10 -22.11
C ASN B 511 -17.33 0.80 -21.28
N HIS B 512 -16.54 0.76 -20.19
CA HIS B 512 -16.56 -0.36 -19.26
C HIS B 512 -17.27 -0.02 -17.94
N VAL B 513 -17.44 1.28 -17.69
CA VAL B 513 -17.92 1.81 -16.40
C VAL B 513 -19.23 1.18 -15.91
N GLU B 514 -20.21 1.12 -16.79
N GLU B 514 -20.23 1.13 -16.79
CA GLU B 514 -21.54 0.57 -16.49
CA GLU B 514 -21.54 0.57 -16.45
C GLU B 514 -21.48 -0.93 -16.16
C GLU B 514 -21.43 -0.92 -16.11
N ALA B 515 -20.63 -1.64 -16.89
CA ALA B 515 -20.42 -3.08 -16.70
C ALA B 515 -19.67 -3.39 -15.41
N LEU B 516 -18.77 -2.49 -15.02
CA LEU B 516 -17.99 -2.65 -13.81
C LEU B 516 -18.82 -2.33 -12.56
N LYS B 517 -19.77 -1.41 -12.69
CA LYS B 517 -20.70 -1.11 -11.61
C LYS B 517 -21.56 -2.32 -11.28
N GLU B 518 -21.89 -3.10 -12.30
CA GLU B 518 -22.60 -4.38 -12.16
C GLU B 518 -21.72 -5.41 -11.47
N GLN B 519 -20.43 -5.37 -11.76
CA GLN B 519 -19.45 -6.32 -11.21
C GLN B 519 -19.20 -6.08 -9.72
N LEU B 520 -19.37 -4.83 -9.28
CA LEU B 520 -19.11 -4.46 -7.89
C LEU B 520 -20.26 -4.81 -6.93
N ARG B 521 -21.42 -5.18 -7.48
CA ARG B 521 -22.53 -5.67 -6.67
C ARG B 521 -22.36 -7.16 -6.36
N ARG B 522 -21.36 -7.78 -6.98
CA ARG B 522 -21.12 -9.22 -6.86
C ARG B 522 -20.10 -9.52 -5.76
N GLU B 523 -20.53 -10.28 -4.75
CA GLU B 523 -19.62 -10.71 -3.68
C GLU B 523 -18.80 -11.93 -4.13
N PRO B 524 -17.47 -11.83 -4.03
CA PRO B 524 -16.56 -12.85 -4.56
C PRO B 524 -16.76 -14.23 -3.95
N ARG B 525 -16.48 -15.25 -4.76
CA ARG B 525 -16.53 -16.66 -4.34
C ARG B 525 -15.11 -17.11 -3.95
N PRO B 526 -15.00 -18.25 -3.22
CA PRO B 526 -13.66 -18.75 -2.88
C PRO B 526 -12.78 -18.99 -4.11
N PHE B 527 -11.52 -18.59 -4.02
CA PHE B 527 -10.55 -18.81 -5.09
C PHE B 527 -10.34 -20.30 -5.35
N PRO B 528 -10.09 -20.69 -6.61
CA PRO B 528 -9.86 -22.10 -6.93
C PRO B 528 -8.42 -22.54 -6.67
N ILE B 529 -8.15 -23.83 -6.84
CA ILE B 529 -6.81 -24.38 -6.74
C ILE B 529 -6.35 -24.83 -8.13
N VAL B 530 -5.18 -24.34 -8.55
CA VAL B 530 -4.57 -24.84 -9.77
C VAL B 530 -3.51 -25.87 -9.43
N ASN B 531 -3.67 -27.08 -9.98
CA ASN B 531 -2.72 -28.15 -9.79
C ASN B 531 -1.88 -28.41 -11.03
N ILE B 532 -0.57 -28.57 -10.83
CA ILE B 532 0.30 -29.02 -11.90
C ILE B 532 0.22 -30.53 -11.93
N LEU B 533 -0.29 -31.06 -13.04
CA LEU B 533 -0.37 -32.51 -13.22
C LEU B 533 0.90 -33.02 -13.87
N ASN B 534 1.23 -34.30 -13.62
CA ASN B 534 2.42 -34.96 -14.17
C ASN B 534 3.73 -34.35 -13.66
N LYS B 535 3.75 -33.98 -12.39
CA LYS B 535 4.88 -33.28 -11.77
C LYS B 535 6.24 -33.94 -12.00
N GLU B 536 6.24 -35.26 -12.12
CA GLU B 536 7.45 -36.05 -12.28
C GLU B 536 8.05 -35.87 -13.67
N ARG B 537 7.19 -35.70 -14.67
CA ARG B 537 7.62 -35.54 -16.05
C ARG B 537 8.24 -34.16 -16.31
N ILE B 538 7.71 -33.15 -15.63
CA ILE B 538 8.13 -31.76 -15.84
C ILE B 538 9.35 -31.42 -14.99
N LYS B 539 10.47 -31.20 -15.65
CA LYS B 539 11.73 -30.91 -14.97
C LYS B 539 12.32 -29.55 -15.37
N GLU B 540 12.02 -29.13 -16.60
CA GLU B 540 12.43 -27.82 -17.10
C GLU B 540 11.20 -26.98 -17.47
N ILE B 541 11.38 -25.67 -17.57
CA ILE B 541 10.26 -24.76 -17.85
C ILE B 541 9.61 -25.01 -19.22
N ASP B 542 10.39 -25.53 -20.16
CA ASP B 542 9.91 -25.83 -21.51
C ASP B 542 9.12 -27.13 -21.57
N ASP B 543 9.12 -27.89 -20.47
CA ASP B 543 8.44 -29.18 -20.41
C ASP B 543 6.93 -29.07 -20.17
N PHE B 544 6.47 -27.89 -19.76
CA PHE B 544 5.05 -27.65 -19.52
C PHE B 544 4.25 -27.65 -20.82
N THR B 545 3.13 -28.36 -20.80
CA THR B 545 2.17 -28.32 -21.91
C THR B 545 0.80 -27.89 -21.39
N ALA B 546 -0.13 -27.68 -22.31
CA ALA B 546 -1.47 -27.19 -21.98
C ALA B 546 -2.26 -28.11 -21.06
N GLU B 547 -1.95 -29.41 -21.13
CA GLU B 547 -2.72 -30.42 -20.41
C GLU B 547 -2.19 -30.70 -19.00
N ASP B 548 -1.08 -30.06 -18.64
CA ASP B 548 -0.45 -30.30 -17.35
C ASP B 548 -1.03 -29.46 -16.22
N PHE B 549 -2.24 -28.95 -16.43
CA PHE B 549 -2.90 -28.07 -15.45
C PHE B 549 -4.37 -28.42 -15.23
N GLU B 550 -4.83 -28.23 -14.00
CA GLU B 550 -6.19 -28.58 -13.60
C GLU B 550 -6.69 -27.50 -12.65
N VAL B 551 -7.76 -26.82 -13.05
CA VAL B 551 -8.37 -25.77 -12.22
C VAL B 551 -9.50 -26.36 -11.40
N VAL B 552 -9.33 -26.35 -10.09
CA VAL B 552 -10.19 -27.09 -9.19
C VAL B 552 -11.05 -26.16 -8.33
N GLY B 553 -12.36 -26.34 -8.43
CA GLY B 553 -13.32 -25.61 -7.59
C GLY B 553 -13.57 -24.16 -8.00
N TYR B 554 -13.48 -23.88 -9.29
CA TYR B 554 -13.72 -22.53 -9.80
C TYR B 554 -15.21 -22.33 -10.07
N VAL B 555 -15.83 -21.52 -9.22
CA VAL B 555 -17.26 -21.23 -9.33
C VAL B 555 -17.46 -19.71 -9.46
N PRO B 556 -17.18 -19.14 -10.65
CA PRO B 556 -17.30 -17.70 -10.79
C PRO B 556 -18.72 -17.24 -11.11
N HIS B 557 -18.95 -15.93 -11.00
CA HIS B 557 -20.17 -15.31 -11.49
C HIS B 557 -20.13 -15.30 -13.01
N GLY B 558 -21.27 -15.05 -13.64
CA GLY B 558 -21.39 -15.09 -15.11
C GLY B 558 -20.48 -14.11 -15.83
N ARG B 559 -20.20 -14.41 -17.10
CA ARG B 559 -19.34 -13.56 -17.94
C ARG B 559 -19.96 -12.17 -18.14
N ILE B 560 -19.10 -11.15 -18.13
CA ILE B 560 -19.51 -9.79 -18.45
C ILE B 560 -18.80 -9.33 -19.71
N GLN B 561 -19.57 -8.93 -20.70
CA GLN B 561 -19.03 -8.44 -21.97
C GLN B 561 -18.35 -7.08 -21.84
N MET B 562 -17.08 -7.04 -22.22
CA MET B 562 -16.31 -5.81 -22.26
C MET B 562 -15.48 -5.77 -23.54
N GLU B 563 -15.73 -4.76 -24.36
CA GLU B 563 -15.06 -4.60 -25.65
C GLU B 563 -13.60 -4.20 -25.48
N MET B 564 -12.73 -4.79 -26.30
CA MET B 564 -11.31 -4.45 -26.31
C MET B 564 -11.08 -3.15 -27.09
N ALA B 565 -10.58 -2.13 -26.39
CA ALA B 565 -10.21 -0.87 -27.04
C ALA B 565 -9.10 -1.12 -28.06
N VAL B 566 -9.48 -1.07 -29.33
CA VAL B 566 -8.61 -1.51 -30.44
C VAL B 566 -7.30 -0.74 -30.58
#